data_9ET7
#
_entry.id   9ET7
#
_cell.length_a   74.181
_cell.length_b   133.725
_cell.length_c   147.94
_cell.angle_alpha   90
_cell.angle_beta   90
_cell.angle_gamma   90
#
_symmetry.space_group_name_H-M   'P 21 21 21'
#
loop_
_entity.id
_entity.type
_entity.pdbx_description
1 polymer 'Cyclin-dependent kinase 2'
2 polymer Cyclin-A2
3 non-polymer 4-bromanyl-1~{H}-pyridin-2-one
4 water water
#
loop_
_entity_poly.entity_id
_entity_poly.type
_entity_poly.pdbx_seq_one_letter_code
_entity_poly.pdbx_strand_id
1 'polypeptide(L)'
;GPGSMENFQKVEKIGEGTYGVVYKARNKLTGEVVALKKIRLDTETEGVPSTAIREISLLKELNHPNIVKLLDVIHTENKL
YLVFEFLHQDLKKFMDASALTGIPLPLIKSYLFQLLQGLAFCHSHRVLHRDLKPQNLLINTEGAIKLADFGLARAFGVPV
RTY(TPO)HEVVTLWYRAPEILLGCKYYSTAVDIWSLGCIFAEMVTRRALFPGDSEIDQLFRIFRTLGTPDEVVWPGVTS
MPDYKPSFPKWARQDFSKVVPPLDEDGRSLLSQMLHYDPNKRISAKAALAHPFFQDVTKPVPHLRL
;
A,C
2 'polypeptide(L)'
;GVNEVPDYHEDIHTYLREMEVKCKPKVGYMKKQPDITNSMRAILVDWLVEVGEEYKLQNETLHLAVNYIDRFLSSMSVLR
GKLQLVGTAAMLLASKFEEIYPPEVAEFVYITDDTYTKKQVLRMEHLVLKVLAFDLAAPTINQFLTQYFLHQQPANCKVE
SLAMFLGELSLIDADPYLKYLPSVIAAAAFHLALYTVTGQSWPESLVQKTGYTLETLKPCLLDLHQTYLRAPQHAQQSIR
EKYKNSKYHGVSLLNPPETLNVHHHHHH
;
B,D
#
loop_
_chem_comp.id
_chem_comp.type
_chem_comp.name
_chem_comp.formula
HGQ non-polymer 4-bromanyl-1~{H}-pyridin-2-one 'C5 H4 Br N O'
#
# COMPACT_ATOMS: atom_id res chain seq x y z
N GLY A 1 4.86 11.70 -2.04
CA GLY A 1 3.84 10.97 -1.30
C GLY A 1 3.97 11.20 0.20
N PRO A 2 4.96 10.56 0.87
CA PRO A 2 5.31 10.90 2.26
C PRO A 2 5.83 12.32 2.51
N GLY A 3 6.78 12.77 1.68
CA GLY A 3 7.45 14.04 1.89
C GLY A 3 6.77 15.27 1.29
N SER A 4 7.27 16.45 1.69
CA SER A 4 7.00 17.72 1.05
C SER A 4 8.29 18.55 1.04
N MET A 5 8.30 19.64 0.26
CA MET A 5 9.52 20.38 -0.01
C MET A 5 9.98 21.21 1.19
N GLU A 6 9.05 21.49 2.11
CA GLU A 6 9.36 22.21 3.32
C GLU A 6 10.34 21.51 4.25
N ASN A 7 10.45 20.17 4.16
CA ASN A 7 11.42 19.45 4.97
C ASN A 7 12.82 19.36 4.35
N PHE A 8 12.98 19.86 3.12
CA PHE A 8 14.28 19.83 2.47
C PHE A 8 14.94 21.20 2.45
N GLN A 9 16.24 21.20 2.74
CA GLN A 9 17.08 22.37 2.66
C GLN A 9 18.10 22.14 1.56
N LYS A 10 17.99 22.91 0.47
CA LYS A 10 18.91 22.82 -0.65
C LYS A 10 20.30 23.24 -0.18
N VAL A 11 21.33 22.53 -0.65
CA VAL A 11 22.70 22.77 -0.22
C VAL A 11 23.50 23.40 -1.35
N GLU A 12 23.42 22.79 -2.54
CA GLU A 12 24.09 23.32 -3.72
C GLU A 12 23.58 22.58 -4.95
N LYS A 13 23.80 23.18 -6.13
CA LYS A 13 23.51 22.56 -7.40
C LYS A 13 24.58 21.51 -7.69
N ILE A 14 24.17 20.33 -8.18
CA ILE A 14 25.12 19.26 -8.43
C ILE A 14 25.13 18.82 -9.89
N GLY A 15 24.18 19.31 -10.69
CA GLY A 15 24.15 18.94 -12.09
C GLY A 15 22.85 19.33 -12.79
N GLU A 16 22.68 18.84 -14.02
CA GLU A 16 21.41 18.97 -14.72
C GLU A 16 21.26 18.01 -15.89
N GLY A 17 20.09 17.35 -15.95
CA GLY A 17 19.58 16.73 -17.16
C GLY A 17 18.62 17.69 -17.86
N THR A 18 17.83 17.18 -18.82
CA THR A 18 16.77 17.96 -19.42
C THR A 18 15.63 18.08 -18.40
N TYR A 19 14.75 19.06 -18.63
CA TYR A 19 13.58 19.30 -17.79
C TYR A 19 13.96 19.91 -16.44
N GLY A 20 15.24 19.77 -16.04
CA GLY A 20 15.83 20.76 -15.15
C GLY A 20 17.11 20.34 -14.44
N VAL A 21 17.20 20.81 -13.21
CA VAL A 21 18.43 20.87 -12.44
C VAL A 21 18.39 19.81 -11.34
N VAL A 22 19.56 19.38 -10.87
CA VAL A 22 19.69 18.51 -9.72
C VAL A 22 20.37 19.27 -8.58
N TYR A 23 19.73 19.29 -7.41
CA TYR A 23 20.30 19.84 -6.19
C TYR A 23 20.65 18.75 -5.18
N LYS A 24 21.73 18.97 -4.44
CA LYS A 24 21.99 18.22 -3.23
C LYS A 24 21.18 18.91 -2.14
N ALA A 25 20.49 18.11 -1.32
CA ALA A 25 19.65 18.66 -0.27
C ALA A 25 19.73 17.80 0.99
N ARG A 26 19.29 18.41 2.09
CA ARG A 26 19.32 17.71 3.38
C ARG A 26 17.92 17.70 3.98
N ASN A 27 17.45 16.52 4.38
CA ASN A 27 16.19 16.38 5.09
C ASN A 27 16.39 16.96 6.49
N LYS A 28 15.63 18.01 6.82
CA LYS A 28 15.86 18.75 8.06
C LYS A 28 15.45 17.97 9.31
N LEU A 29 14.54 17.00 9.14
CA LEU A 29 14.03 16.22 10.25
C LEU A 29 14.84 14.95 10.51
N THR A 30 15.22 14.24 9.44
CA THR A 30 15.95 12.99 9.59
C THR A 30 17.46 13.09 9.41
N GLY A 31 17.93 14.20 8.81
CA GLY A 31 19.34 14.41 8.53
C GLY A 31 19.81 13.81 7.20
N GLU A 32 18.93 13.09 6.50
CA GLU A 32 19.30 12.41 5.28
C GLU A 32 19.69 13.39 4.17
N VAL A 33 20.82 13.11 3.53
CA VAL A 33 21.27 13.85 2.36
C VAL A 33 20.71 13.18 1.11
N VAL A 34 20.17 13.99 0.20
CA VAL A 34 19.45 13.50 -0.96
C VAL A 34 19.85 14.31 -2.19
N ALA A 35 19.51 13.79 -3.37
CA ALA A 35 19.54 14.56 -4.59
C ALA A 35 18.10 14.77 -5.03
N LEU A 36 17.75 16.03 -5.31
CA LEU A 36 16.44 16.43 -5.76
C LEU A 36 16.53 16.72 -7.26
N LYS A 37 15.79 15.96 -8.08
CA LYS A 37 15.74 16.19 -9.51
C LYS A 37 14.41 16.90 -9.80
N LYS A 38 14.50 18.17 -10.20
CA LYS A 38 13.33 18.94 -10.60
C LYS A 38 12.95 18.61 -12.04
N ILE A 39 11.65 18.35 -12.24
CA ILE A 39 11.07 18.19 -13.58
C ILE A 39 9.99 19.26 -13.73
N ARG A 40 10.23 20.24 -14.60
CA ARG A 40 9.31 21.36 -14.71
C ARG A 40 8.18 20.96 -15.65
N LEU A 41 6.93 21.15 -15.22
CA LEU A 41 5.79 20.68 -16.04
C LEU A 41 4.99 21.90 -16.52
N ASP A 42 5.05 23.01 -15.79
CA ASP A 42 4.24 24.20 -16.16
C ASP A 42 4.73 24.70 -17.52
N THR A 43 6.03 24.57 -17.78
CA THR A 43 6.55 24.94 -19.11
C THR A 43 6.05 23.94 -20.12
N GLU A 44 5.90 22.67 -19.72
CA GLU A 44 5.51 21.61 -20.68
C GLU A 44 4.05 21.80 -21.12
N THR A 45 3.79 21.68 -22.43
CA THR A 45 2.41 21.76 -22.93
C THR A 45 1.93 20.38 -23.25
N GLU A 46 2.79 19.38 -23.13
CA GLU A 46 2.41 18.00 -23.36
C GLU A 46 2.27 17.22 -22.06
N GLY A 47 2.09 17.92 -20.93
CA GLY A 47 1.85 17.29 -19.65
C GLY A 47 3.14 16.69 -19.11
N VAL A 48 3.01 15.60 -18.35
CA VAL A 48 4.18 14.98 -17.75
C VAL A 48 4.97 14.27 -18.85
N PRO A 49 6.28 14.56 -18.99
CA PRO A 49 7.07 13.96 -20.06
C PRO A 49 7.27 12.47 -19.88
N SER A 50 7.31 11.76 -21.01
CA SER A 50 7.40 10.31 -21.00
C SER A 50 8.70 9.80 -20.37
N THR A 51 9.79 10.57 -20.50
CA THR A 51 11.03 10.21 -19.82
C THR A 51 10.80 10.09 -18.33
N ALA A 52 10.06 11.02 -17.74
CA ALA A 52 9.80 11.02 -16.32
C ALA A 52 8.81 9.92 -15.90
N ILE A 53 7.79 9.67 -16.74
CA ILE A 53 6.85 8.58 -16.50
C ILE A 53 7.55 7.22 -16.46
N ARG A 54 8.46 7.01 -17.40
CA ARG A 54 9.27 5.79 -17.40
C ARG A 54 10.25 5.75 -16.23
N GLU A 55 10.98 6.83 -16.00
CA GLU A 55 11.97 6.86 -14.93
C GLU A 55 11.30 6.54 -13.59
N ILE A 56 10.21 7.24 -13.26
CA ILE A 56 9.58 7.07 -11.97
C ILE A 56 8.98 5.68 -11.83
N SER A 57 8.13 5.29 -12.81
CA SER A 57 7.47 3.99 -12.77
C SER A 57 8.44 2.81 -12.68
N LEU A 58 9.54 2.87 -13.43
CA LEU A 58 10.50 1.79 -13.44
C LEU A 58 11.36 1.77 -12.17
N LEU A 59 11.79 2.95 -11.69
CA LEU A 59 12.60 3.02 -10.49
C LEU A 59 11.85 2.64 -9.21
N LYS A 60 10.53 2.80 -9.21
CA LYS A 60 9.71 2.39 -8.08
C LYS A 60 9.81 0.88 -7.86
N GLU A 61 9.89 0.14 -8.95
CA GLU A 61 10.05 -1.31 -8.90
C GLU A 61 11.47 -1.77 -8.55
N LEU A 62 12.47 -1.04 -9.05
CA LEU A 62 13.85 -1.51 -9.02
C LEU A 62 14.53 -1.15 -7.70
N ASN A 63 14.45 -2.07 -6.75
CA ASN A 63 15.06 -1.85 -5.45
C ASN A 63 16.27 -2.79 -5.27
N HIS A 64 17.48 -2.23 -5.37
CA HIS A 64 18.70 -3.01 -5.39
C HIS A 64 19.87 -2.16 -4.94
N PRO A 65 20.86 -2.72 -4.21
CA PRO A 65 21.98 -1.92 -3.70
C PRO A 65 22.81 -1.21 -4.77
N ASN A 66 22.78 -1.70 -6.02
CA ASN A 66 23.55 -1.12 -7.11
C ASN A 66 22.67 -0.42 -8.14
N ILE A 67 21.47 -0.03 -7.72
CA ILE A 67 20.62 0.85 -8.50
C ILE A 67 20.28 2.05 -7.60
N VAL A 68 20.46 3.26 -8.13
CA VAL A 68 20.14 4.47 -7.40
C VAL A 68 18.69 4.39 -6.92
N LYS A 69 18.49 4.73 -5.65
CA LYS A 69 17.22 4.51 -5.00
C LYS A 69 16.36 5.76 -5.08
N LEU A 70 15.15 5.62 -5.64
CA LEU A 70 14.15 6.68 -5.64
C LEU A 70 13.41 6.64 -4.30
N LEU A 71 13.53 7.71 -3.51
CA LEU A 71 12.97 7.74 -2.17
C LEU A 71 11.53 8.25 -2.14
N ASP A 72 11.22 9.17 -3.06
CA ASP A 72 9.95 9.86 -3.01
C ASP A 72 9.72 10.65 -4.30
N VAL A 73 8.46 11.04 -4.50
CA VAL A 73 8.05 11.86 -5.62
C VAL A 73 7.11 12.92 -5.07
N ILE A 74 7.52 14.19 -5.17
CA ILE A 74 6.65 15.32 -4.73
C ILE A 74 6.01 15.90 -5.99
N HIS A 75 4.69 15.81 -6.10
CA HIS A 75 3.97 16.20 -7.35
C HIS A 75 3.09 17.41 -7.11
N THR A 76 3.61 18.60 -7.40
CA THR A 76 2.78 19.82 -7.28
C THR A 76 2.00 19.99 -8.57
N GLU A 77 1.12 20.99 -8.62
CA GLU A 77 0.43 21.25 -9.87
C GLU A 77 1.41 21.68 -10.96
N ASN A 78 2.48 22.35 -10.57
CA ASN A 78 3.42 22.97 -11.49
C ASN A 78 4.79 22.30 -11.59
N LYS A 79 5.15 21.47 -10.59
CA LYS A 79 6.47 20.84 -10.55
C LYS A 79 6.46 19.40 -10.08
N LEU A 80 7.55 18.71 -10.39
CA LEU A 80 7.72 17.33 -10.00
C LEU A 80 9.13 17.23 -9.45
N TYR A 81 9.28 16.79 -8.21
CA TYR A 81 10.58 16.55 -7.60
C TYR A 81 10.78 15.07 -7.37
N LEU A 82 11.86 14.53 -7.93
CA LEU A 82 12.27 13.16 -7.64
C LEU A 82 13.33 13.22 -6.54
N VAL A 83 13.06 12.57 -5.41
CA VAL A 83 14.00 12.51 -4.30
C VAL A 83 14.79 11.20 -4.38
N PHE A 84 16.11 11.32 -4.54
CA PHE A 84 17.02 10.18 -4.67
C PHE A 84 18.01 10.13 -3.51
N GLU A 85 18.54 8.93 -3.23
CA GLU A 85 19.68 8.82 -2.34
C GLU A 85 20.82 9.59 -2.99
N PHE A 86 21.60 10.31 -2.16
CA PHE A 86 22.73 11.08 -2.66
C PHE A 86 24.00 10.23 -2.80
N LEU A 87 24.72 10.38 -3.91
CA LEU A 87 26.03 9.79 -4.10
C LEU A 87 26.96 10.90 -4.56
N HIS A 88 28.19 10.93 -4.04
N HIS A 88 28.19 10.88 -4.05
CA HIS A 88 28.99 12.13 -4.13
CA HIS A 88 29.06 12.04 -4.06
C HIS A 88 29.48 12.44 -5.55
C HIS A 88 29.71 12.35 -5.41
N GLN A 89 29.68 11.39 -6.35
CA GLN A 89 30.38 11.56 -7.62
C GLN A 89 29.95 10.54 -8.67
N ASP A 90 30.24 10.82 -9.95
CA ASP A 90 30.07 9.83 -11.01
C ASP A 90 31.42 9.26 -11.45
N LEU A 91 31.37 8.13 -12.18
CA LEU A 91 32.56 7.38 -12.53
C LEU A 91 33.46 8.15 -13.50
N LYS A 92 32.85 8.98 -14.36
CA LYS A 92 33.60 9.79 -15.30
C LYS A 92 34.50 10.79 -14.58
N LYS A 93 33.93 11.51 -13.60
CA LYS A 93 34.69 12.49 -12.83
C LYS A 93 35.80 11.82 -12.03
N PHE A 94 35.49 10.64 -11.47
CA PHE A 94 36.47 9.85 -10.74
C PHE A 94 37.63 9.45 -11.64
N MET A 95 37.32 8.93 -12.83
CA MET A 95 38.34 8.57 -13.80
C MET A 95 39.22 9.77 -14.16
N ASP A 96 38.59 10.91 -14.47
CA ASP A 96 39.33 12.13 -14.80
C ASP A 96 40.20 12.64 -13.66
N ALA A 97 39.64 12.69 -12.44
CA ALA A 97 40.18 13.60 -11.43
C ALA A 97 41.18 12.91 -10.50
N SER A 98 40.76 11.81 -9.88
CA SER A 98 41.69 10.84 -9.33
C SER A 98 41.95 9.94 -10.53
N ALA A 99 42.62 8.80 -10.30
CA ALA A 99 42.88 7.86 -11.37
C ALA A 99 43.79 8.49 -12.44
N LEU A 100 44.85 9.15 -11.98
CA LEU A 100 45.80 9.83 -12.85
C LEU A 100 46.97 8.91 -13.21
N THR A 101 47.30 8.01 -12.28
CA THR A 101 48.15 6.85 -12.52
C THR A 101 47.34 5.55 -12.62
N GLY A 102 46.01 5.67 -12.48
CA GLY A 102 45.11 4.58 -12.83
C GLY A 102 44.06 4.34 -11.75
N ILE A 103 43.10 3.44 -12.07
CA ILE A 103 42.24 2.84 -11.06
C ILE A 103 42.85 1.48 -10.70
N PRO A 104 43.15 1.20 -9.41
CA PRO A 104 43.75 -0.09 -9.05
C PRO A 104 42.80 -1.23 -9.41
N LEU A 105 43.36 -2.37 -9.78
CA LEU A 105 42.59 -3.49 -10.31
C LEU A 105 41.52 -3.98 -9.33
N PRO A 106 41.79 -4.11 -8.01
CA PRO A 106 40.75 -4.48 -7.04
C PRO A 106 39.49 -3.63 -7.11
N LEU A 107 39.66 -2.33 -7.32
CA LEU A 107 38.54 -1.41 -7.40
C LEU A 107 37.80 -1.53 -8.72
N ILE A 108 38.54 -1.80 -9.80
CA ILE A 108 37.95 -2.06 -11.11
C ILE A 108 37.06 -3.30 -11.03
N LYS A 109 37.61 -4.36 -10.43
CA LYS A 109 36.89 -5.60 -10.22
C LYS A 109 35.62 -5.39 -9.39
N SER A 110 35.78 -4.76 -8.22
CA SER A 110 34.65 -4.49 -7.35
C SER A 110 33.54 -3.75 -8.11
N TYR A 111 33.95 -2.73 -8.86
CA TYR A 111 33.00 -1.88 -9.56
C TYR A 111 32.28 -2.64 -10.67
N LEU A 112 33.04 -3.38 -11.48
CA LEU A 112 32.43 -4.14 -12.56
C LEU A 112 31.45 -5.17 -12.00
N PHE A 113 31.85 -5.82 -10.90
CA PHE A 113 31.02 -6.83 -10.25
C PHE A 113 29.70 -6.25 -9.78
N GLN A 114 29.78 -5.05 -9.17
CA GLN A 114 28.59 -4.36 -8.71
C GLN A 114 27.71 -3.93 -9.87
N LEU A 115 28.33 -3.38 -10.92
CA LEU A 115 27.59 -2.95 -12.10
C LEU A 115 26.83 -4.12 -12.71
N LEU A 116 27.46 -5.29 -12.74
CA LEU A 116 26.83 -6.50 -13.26
C LEU A 116 25.67 -6.97 -12.39
N GLN A 117 25.81 -6.83 -11.07
CA GLN A 117 24.71 -7.16 -10.17
C GLN A 117 23.50 -6.24 -10.41
N GLY A 118 23.77 -4.95 -10.55
CA GLY A 118 22.72 -3.98 -10.83
C GLY A 118 22.00 -4.28 -12.13
N LEU A 119 22.79 -4.56 -13.17
CA LEU A 119 22.26 -4.79 -14.49
C LEU A 119 21.46 -6.09 -14.57
N ALA A 120 21.98 -7.16 -13.95
CA ALA A 120 21.25 -8.42 -13.88
C ALA A 120 19.87 -8.24 -13.24
N PHE A 121 19.79 -7.40 -12.20
CA PHE A 121 18.54 -7.12 -11.52
C PHE A 121 17.59 -6.39 -12.47
N CYS A 122 18.10 -5.43 -13.25
CA CYS A 122 17.28 -4.76 -14.25
C CYS A 122 16.65 -5.76 -15.21
N HIS A 123 17.51 -6.60 -15.80
CA HIS A 123 17.10 -7.55 -16.81
C HIS A 123 16.15 -8.59 -16.25
N SER A 124 16.41 -9.03 -15.01
CA SER A 124 15.49 -9.93 -14.31
C SER A 124 14.12 -9.30 -14.06
N HIS A 125 14.06 -7.97 -14.06
CA HIS A 125 12.81 -7.24 -13.90
C HIS A 125 12.35 -6.54 -15.18
N ARG A 126 12.65 -7.12 -16.34
CA ARG A 126 12.14 -6.62 -17.65
C ARG A 126 12.50 -5.15 -17.92
N VAL A 127 13.65 -4.66 -17.46
CA VAL A 127 14.04 -3.30 -17.79
C VAL A 127 15.37 -3.26 -18.54
N LEU A 128 15.37 -2.64 -19.73
CA LEU A 128 16.60 -2.23 -20.39
C LEU A 128 16.96 -0.83 -19.93
N HIS A 129 18.25 -0.60 -19.63
CA HIS A 129 18.73 0.71 -19.23
C HIS A 129 18.89 1.63 -20.44
N ARG A 130 19.71 1.21 -21.41
CA ARG A 130 19.84 1.86 -22.70
C ARG A 130 20.59 3.18 -22.68
N ASP A 131 21.33 3.46 -21.60
CA ASP A 131 22.25 4.58 -21.59
C ASP A 131 23.37 4.39 -20.57
N LEU A 132 23.98 3.20 -20.57
CA LEU A 132 25.03 2.92 -19.62
C LEU A 132 26.31 3.62 -20.10
N LYS A 133 26.81 4.53 -19.26
CA LYS A 133 28.05 5.23 -19.53
C LYS A 133 28.56 5.77 -18.21
N PRO A 134 29.85 6.12 -18.08
CA PRO A 134 30.43 6.48 -16.77
C PRO A 134 29.73 7.65 -16.07
N GLN A 135 29.19 8.58 -16.87
CA GLN A 135 28.47 9.73 -16.34
C GLN A 135 27.18 9.36 -15.62
N ASN A 136 26.64 8.16 -15.94
CA ASN A 136 25.40 7.68 -15.36
C ASN A 136 25.62 6.59 -14.31
N LEU A 137 26.88 6.40 -13.89
CA LEU A 137 27.21 5.47 -12.82
C LEU A 137 27.78 6.27 -11.64
N LEU A 138 27.09 6.19 -10.51
CA LEU A 138 27.40 7.01 -9.35
C LEU A 138 28.10 6.19 -8.27
N ILE A 139 29.11 6.79 -7.64
CA ILE A 139 29.89 6.17 -6.58
C ILE A 139 29.71 6.98 -5.30
N ASN A 140 29.74 6.28 -4.16
CA ASN A 140 29.74 6.93 -2.86
C ASN A 140 31.09 6.76 -2.15
N THR A 141 31.19 7.26 -0.91
CA THR A 141 32.45 7.20 -0.18
C THR A 141 32.75 5.82 0.39
N GLU A 142 31.76 4.92 0.37
CA GLU A 142 31.90 3.58 0.93
C GLU A 142 32.39 2.50 -0.04
N GLY A 143 32.48 2.84 -1.33
CA GLY A 143 32.95 1.91 -2.34
C GLY A 143 31.88 1.26 -3.19
N ALA A 144 30.63 1.74 -3.06
CA ALA A 144 29.54 1.26 -3.89
C ALA A 144 29.49 2.01 -5.22
N ILE A 145 28.98 1.36 -6.26
CA ILE A 145 28.71 2.01 -7.53
C ILE A 145 27.30 1.58 -7.93
N LYS A 146 26.54 2.54 -8.49
CA LYS A 146 25.15 2.31 -8.80
C LYS A 146 24.72 2.86 -10.16
N LEU A 147 23.84 2.10 -10.85
CA LEU A 147 23.24 2.54 -12.10
C LEU A 147 22.33 3.74 -11.81
N ALA A 148 22.45 4.79 -12.63
CA ALA A 148 21.58 5.93 -12.50
C ALA A 148 21.07 6.36 -13.88
N ASP A 149 20.17 7.35 -13.84
CA ASP A 149 19.59 7.99 -15.01
C ASP A 149 18.82 6.98 -15.85
N PHE A 150 17.63 6.63 -15.36
CA PHE A 150 16.74 5.71 -16.05
C PHE A 150 15.73 6.41 -16.97
N GLY A 151 16.07 7.63 -17.42
CA GLY A 151 15.22 8.38 -18.34
C GLY A 151 15.11 7.73 -19.72
N LEU A 152 16.16 7.03 -20.15
CA LEU A 152 16.16 6.34 -21.42
C LEU A 152 15.72 4.87 -21.33
N ALA A 153 15.33 4.43 -20.12
CA ALA A 153 15.08 3.02 -19.88
C ALA A 153 13.73 2.60 -20.46
N ARG A 154 13.54 1.28 -20.51
CA ARG A 154 12.29 0.76 -21.11
C ARG A 154 11.90 -0.62 -20.56
N ALA A 155 10.63 -0.77 -20.22
CA ALA A 155 10.08 -2.06 -19.82
C ALA A 155 9.85 -2.90 -21.06
N PHE A 156 10.55 -4.02 -21.18
CA PHE A 156 10.38 -4.89 -22.33
C PHE A 156 9.47 -6.08 -22.08
N GLY A 157 8.98 -6.65 -23.19
CA GLY A 157 8.26 -7.92 -23.18
C GLY A 157 9.14 -9.03 -23.75
N VAL A 158 8.68 -10.28 -23.60
CA VAL A 158 9.44 -11.45 -23.99
C VAL A 158 8.61 -12.27 -24.97
N PRO A 159 9.05 -12.44 -26.25
CA PRO A 159 10.25 -11.81 -26.79
C PRO A 159 10.13 -10.30 -26.99
N VAL A 160 11.26 -9.63 -27.17
CA VAL A 160 11.26 -8.19 -27.38
C VAL A 160 10.53 -7.87 -28.68
N ARG A 161 9.96 -6.67 -28.74
CA ARG A 161 9.50 -6.12 -30.00
C ARG A 161 10.40 -4.94 -30.38
N THR A 162 10.05 -4.26 -31.49
CA THR A 162 10.82 -3.13 -31.97
C THR A 162 10.64 -1.93 -31.04
N TYR A 163 11.75 -1.42 -30.52
CA TYR A 163 11.74 -0.24 -29.68
C TYR A 163 12.44 0.92 -30.39
N TPO A 164 12.61 2.04 -29.68
CA TPO A 164 13.23 3.22 -30.23
CB TPO A 164 13.32 4.33 -29.16
CG2 TPO A 164 13.86 5.63 -29.69
OG1 TPO A 164 11.97 4.57 -28.66
P TPO A 164 11.56 4.18 -27.16
O1P TPO A 164 11.79 2.68 -27.02
O2P TPO A 164 10.10 4.60 -27.04
O3P TPO A 164 12.46 4.98 -26.21
C TPO A 164 14.61 2.87 -30.78
O TPO A 164 15.41 2.24 -30.10
N HIS A 165 14.86 3.28 -32.03
CA HIS A 165 16.14 3.09 -32.68
C HIS A 165 17.00 4.27 -32.27
N GLU A 166 18.33 4.10 -32.31
CA GLU A 166 19.24 5.19 -31.94
C GLU A 166 18.94 5.55 -30.48
N VAL A 167 19.44 4.66 -29.63
CA VAL A 167 19.41 4.80 -28.18
C VAL A 167 20.85 4.50 -27.81
N VAL A 168 21.26 4.84 -26.59
CA VAL A 168 22.61 4.69 -26.09
C VAL A 168 23.49 5.78 -26.70
N THR A 169 24.23 6.49 -25.84
CA THR A 169 25.27 7.39 -26.28
C THR A 169 26.21 6.64 -27.21
N LEU A 170 26.59 7.31 -28.31
CA LEU A 170 27.22 6.67 -29.44
C LEU A 170 28.41 5.80 -29.06
N TRP A 171 29.33 6.33 -28.24
CA TRP A 171 30.54 5.61 -27.90
C TRP A 171 30.28 4.25 -27.24
N TYR A 172 29.08 4.10 -26.65
CA TYR A 172 28.73 2.94 -25.86
C TYR A 172 27.65 2.09 -26.56
N ARG A 173 27.37 2.39 -27.83
CA ARG A 173 26.27 1.79 -28.57
C ARG A 173 26.68 0.50 -29.30
N ALA A 174 25.87 -0.55 -29.11
CA ALA A 174 26.17 -1.86 -29.67
C ALA A 174 26.04 -1.91 -31.19
N PRO A 175 26.76 -2.83 -31.87
CA PRO A 175 26.75 -2.88 -33.33
C PRO A 175 25.39 -3.19 -33.94
N GLU A 176 24.57 -3.97 -33.22
CA GLU A 176 23.25 -4.33 -33.72
C GLU A 176 22.37 -3.09 -33.82
N ILE A 177 22.55 -2.13 -32.90
CA ILE A 177 21.81 -0.87 -32.98
C ILE A 177 22.36 -0.08 -34.17
N LEU A 178 23.68 0.00 -34.27
CA LEU A 178 24.33 0.75 -35.35
C LEU A 178 23.96 0.23 -36.74
N LEU A 179 23.75 -1.09 -36.86
CA LEU A 179 23.34 -1.69 -38.14
C LEU A 179 21.83 -1.69 -38.36
N GLY A 180 21.08 -0.99 -37.50
CA GLY A 180 19.66 -0.80 -37.68
C GLY A 180 18.78 -2.03 -37.47
N CYS A 181 19.23 -2.99 -36.66
N CYS A 181 19.22 -2.93 -36.58
CA CYS A 181 18.53 -4.26 -36.52
CA CYS A 181 18.50 -4.13 -36.20
C CYS A 181 17.13 -3.99 -35.96
C CYS A 181 17.02 -3.85 -35.98
N LYS A 182 16.16 -4.79 -36.40
CA LYS A 182 14.75 -4.65 -36.07
C LYS A 182 14.53 -4.82 -34.58
N TYR A 183 15.28 -5.75 -33.98
CA TYR A 183 15.16 -6.08 -32.58
C TYR A 183 16.52 -5.92 -31.90
N TYR A 184 16.51 -5.38 -30.68
CA TYR A 184 17.63 -5.51 -29.76
C TYR A 184 17.11 -5.85 -28.37
N SER A 185 18.02 -6.32 -27.51
CA SER A 185 17.64 -6.90 -26.24
C SER A 185 18.66 -6.56 -25.17
N THR A 186 18.68 -7.38 -24.11
CA THR A 186 19.55 -7.17 -22.96
C THR A 186 21.02 -7.01 -23.32
N ALA A 187 21.43 -7.65 -24.42
CA ALA A 187 22.81 -7.62 -24.87
C ALA A 187 23.37 -6.22 -25.17
N VAL A 188 22.52 -5.25 -25.49
CA VAL A 188 23.00 -3.89 -25.74
C VAL A 188 23.54 -3.25 -24.45
N ASP A 189 22.96 -3.62 -23.29
CA ASP A 189 23.46 -3.11 -22.03
C ASP A 189 24.81 -3.75 -21.69
N ILE A 190 24.98 -5.02 -22.04
CA ILE A 190 26.26 -5.68 -21.82
C ILE A 190 27.36 -5.04 -22.66
N TRP A 191 27.04 -4.71 -23.92
CA TRP A 191 28.02 -4.05 -24.77
C TRP A 191 28.56 -2.79 -24.10
N SER A 192 27.64 -1.94 -23.61
CA SER A 192 28.03 -0.71 -22.93
C SER A 192 28.97 -0.97 -21.76
N LEU A 193 28.63 -1.95 -20.92
CA LEU A 193 29.45 -2.30 -19.77
C LEU A 193 30.83 -2.82 -20.17
N GLY A 194 30.89 -3.57 -21.28
CA GLY A 194 32.16 -3.95 -21.87
C GLY A 194 33.03 -2.74 -22.20
N CYS A 195 32.43 -1.75 -22.88
CA CYS A 195 33.13 -0.51 -23.19
C CYS A 195 33.60 0.16 -21.91
N ILE A 196 32.74 0.11 -20.87
CA ILE A 196 33.06 0.76 -19.61
C ILE A 196 34.18 0.05 -18.87
N PHE A 197 34.16 -1.29 -18.88
CA PHE A 197 35.25 -2.08 -18.33
C PHE A 197 36.59 -1.63 -18.91
N ALA A 198 36.69 -1.62 -20.25
CA ALA A 198 37.90 -1.18 -20.92
C ALA A 198 38.32 0.22 -20.46
N GLU A 199 37.33 1.11 -20.39
CA GLU A 199 37.56 2.51 -20.07
C GLU A 199 38.07 2.69 -18.63
N MET A 200 37.56 1.87 -17.71
CA MET A 200 38.10 1.87 -16.35
C MET A 200 39.57 1.49 -16.33
N VAL A 201 40.02 0.61 -17.24
CA VAL A 201 41.40 0.15 -17.26
C VAL A 201 42.35 1.18 -17.86
N THR A 202 41.92 1.82 -18.96
CA THR A 202 42.73 2.79 -19.70
C THR A 202 42.41 4.25 -19.38
N ARG A 203 41.21 4.51 -18.84
CA ARG A 203 40.67 5.85 -18.64
C ARG A 203 40.46 6.63 -19.94
N ARG A 204 40.35 5.94 -21.07
CA ARG A 204 39.91 6.53 -22.32
C ARG A 204 38.81 5.67 -22.92
N ALA A 205 37.87 6.30 -23.64
CA ALA A 205 36.79 5.57 -24.29
C ALA A 205 37.39 4.59 -25.30
N LEU A 206 36.80 3.40 -25.38
CA LEU A 206 37.32 2.35 -26.25
C LEU A 206 37.02 2.60 -27.71
N PHE A 207 35.83 3.13 -28.00
CA PHE A 207 35.40 3.42 -29.36
C PHE A 207 34.85 4.83 -29.47
N PRO A 208 35.71 5.88 -29.54
CA PRO A 208 35.24 7.27 -29.56
C PRO A 208 34.89 7.76 -30.96
N GLY A 209 33.80 7.26 -31.49
CA GLY A 209 33.38 7.64 -32.86
C GLY A 209 32.80 9.03 -32.96
N ASP A 210 32.89 9.62 -34.15
CA ASP A 210 32.34 10.99 -34.38
C ASP A 210 31.04 10.87 -35.16
N SER A 211 30.68 9.64 -35.55
CA SER A 211 29.47 9.44 -36.36
C SER A 211 29.03 7.98 -36.26
N GLU A 212 27.80 7.68 -36.65
CA GLU A 212 27.38 6.29 -36.71
C GLU A 212 28.34 5.43 -37.53
N ILE A 213 28.70 5.88 -38.73
CA ILE A 213 29.53 5.07 -39.59
C ILE A 213 30.96 5.02 -39.05
N ASP A 214 31.46 6.14 -38.50
CA ASP A 214 32.77 6.17 -37.88
C ASP A 214 32.82 5.25 -36.65
N GLN A 215 31.75 5.26 -35.85
CA GLN A 215 31.63 4.38 -34.71
C GLN A 215 31.75 2.91 -35.13
N LEU A 216 31.01 2.51 -36.17
CA LEU A 216 31.06 1.15 -36.68
C LEU A 216 32.49 0.79 -37.09
N PHE A 217 33.11 1.67 -37.90
CA PHE A 217 34.41 1.40 -38.45
C PHE A 217 35.44 1.27 -37.35
N ARG A 218 35.32 2.06 -36.27
CA ARG A 218 36.23 1.92 -35.14
C ARG A 218 36.11 0.58 -34.43
N ILE A 219 34.87 0.11 -34.25
CA ILE A 219 34.63 -1.21 -33.69
C ILE A 219 35.26 -2.29 -34.57
N PHE A 220 35.03 -2.20 -35.89
CA PHE A 220 35.55 -3.16 -36.85
C PHE A 220 37.07 -3.22 -36.88
N ARG A 221 37.73 -2.06 -36.84
CA ARG A 221 39.18 -2.00 -36.87
C ARG A 221 39.79 -2.60 -35.60
N THR A 222 39.00 -2.67 -34.53
CA THR A 222 39.44 -3.27 -33.29
C THR A 222 39.12 -4.75 -33.16
N LEU A 223 37.89 -5.14 -33.53
CA LEU A 223 37.39 -6.49 -33.30
C LEU A 223 37.33 -7.32 -34.59
N GLY A 224 37.73 -6.72 -35.71
CA GLY A 224 37.56 -7.31 -37.03
C GLY A 224 36.18 -7.03 -37.62
N THR A 225 36.09 -6.89 -38.94
CA THR A 225 34.81 -6.68 -39.59
C THR A 225 34.09 -8.02 -39.51
N PRO A 226 32.85 -8.06 -38.95
CA PRO A 226 32.13 -9.32 -38.79
C PRO A 226 31.60 -9.83 -40.13
N ASP A 227 31.52 -11.16 -40.23
CA ASP A 227 30.98 -11.86 -41.39
C ASP A 227 29.99 -12.89 -40.88
N GLU A 228 29.49 -13.75 -41.79
CA GLU A 228 28.45 -14.70 -41.43
C GLU A 228 28.91 -15.76 -40.43
N VAL A 229 30.21 -16.08 -40.41
CA VAL A 229 30.75 -17.07 -39.50
C VAL A 229 30.76 -16.58 -38.05
N VAL A 230 31.19 -15.34 -37.84
CA VAL A 230 31.25 -14.81 -36.49
C VAL A 230 29.87 -14.31 -36.05
N TRP A 231 29.07 -13.82 -37.01
CA TRP A 231 27.79 -13.23 -36.67
C TRP A 231 26.75 -13.59 -37.73
N PRO A 232 26.09 -14.75 -37.61
CA PRO A 232 25.06 -15.15 -38.56
C PRO A 232 23.95 -14.10 -38.65
N GLY A 233 23.64 -13.69 -39.89
CA GLY A 233 22.64 -12.65 -40.12
C GLY A 233 23.19 -11.26 -40.39
N VAL A 234 24.44 -10.98 -39.97
CA VAL A 234 25.01 -9.64 -40.05
C VAL A 234 24.87 -9.05 -41.46
N THR A 235 25.13 -9.85 -42.51
CA THR A 235 25.09 -9.34 -43.87
C THR A 235 23.68 -9.05 -44.39
N SER A 236 22.65 -9.51 -43.67
CA SER A 236 21.26 -9.26 -44.02
C SER A 236 20.65 -8.09 -43.24
N MET A 237 21.44 -7.44 -42.40
CA MET A 237 20.92 -6.42 -41.50
C MET A 237 20.66 -5.12 -42.27
N PRO A 238 19.62 -4.35 -41.90
CA PRO A 238 19.15 -3.25 -42.76
C PRO A 238 20.24 -2.31 -43.25
N ASP A 239 21.17 -1.92 -42.36
CA ASP A 239 22.22 -0.97 -42.69
C ASP A 239 23.61 -1.59 -42.80
N TYR A 240 23.69 -2.91 -42.94
CA TYR A 240 24.90 -3.56 -43.40
C TYR A 240 25.10 -3.24 -44.88
N LYS A 241 26.36 -2.97 -45.27
CA LYS A 241 26.72 -2.73 -46.65
C LYS A 241 27.81 -3.72 -47.07
N PRO A 242 27.66 -4.40 -48.23
CA PRO A 242 28.76 -5.21 -48.78
C PRO A 242 30.09 -4.47 -48.96
N SER A 243 30.02 -3.17 -49.22
CA SER A 243 31.21 -2.34 -49.37
C SER A 243 32.00 -2.03 -48.10
N PHE A 244 31.47 -2.37 -46.92
CA PHE A 244 32.23 -2.22 -45.68
C PHE A 244 33.66 -2.75 -45.79
N PRO A 245 34.70 -1.98 -45.39
CA PRO A 245 36.07 -2.52 -45.38
C PRO A 245 36.18 -3.76 -44.49
N LYS A 246 37.04 -4.69 -44.91
CA LYS A 246 37.18 -5.98 -44.24
C LYS A 246 38.46 -5.93 -43.41
N TRP A 247 38.35 -5.48 -42.15
CA TRP A 247 39.49 -5.36 -41.26
C TRP A 247 39.71 -6.69 -40.54
N ALA A 248 40.97 -7.09 -40.40
CA ALA A 248 41.29 -8.31 -39.64
C ALA A 248 41.14 -8.07 -38.15
N ARG A 249 40.63 -9.06 -37.43
CA ARG A 249 40.53 -9.01 -35.98
C ARG A 249 41.94 -8.99 -35.38
N GLN A 250 42.23 -8.03 -34.50
CA GLN A 250 43.55 -7.97 -33.91
C GLN A 250 43.53 -8.82 -32.64
N ASP A 251 44.72 -9.27 -32.24
CA ASP A 251 44.92 -9.95 -30.96
C ASP A 251 44.30 -9.12 -29.83
N PHE A 252 43.44 -9.76 -29.03
CA PHE A 252 42.68 -9.08 -28.00
C PHE A 252 43.54 -8.52 -26.86
N SER A 253 44.74 -9.10 -26.69
CA SER A 253 45.73 -8.59 -25.75
C SER A 253 46.34 -7.25 -26.16
N LYS A 254 46.15 -6.86 -27.42
CA LYS A 254 46.58 -5.55 -27.88
C LYS A 254 45.45 -4.51 -27.73
N VAL A 255 44.21 -4.97 -27.53
CA VAL A 255 43.08 -4.08 -27.34
C VAL A 255 43.14 -3.34 -25.99
N VAL A 256 43.43 -4.11 -24.93
CA VAL A 256 43.67 -3.54 -23.61
C VAL A 256 44.92 -4.22 -23.04
N PRO A 257 46.12 -3.78 -23.47
CA PRO A 257 47.38 -4.41 -23.06
C PRO A 257 47.58 -4.71 -21.57
N PRO A 258 47.23 -3.81 -20.62
CA PRO A 258 47.46 -4.09 -19.19
C PRO A 258 46.61 -5.20 -18.59
N LEU A 259 45.62 -5.69 -19.34
CA LEU A 259 44.61 -6.59 -18.84
C LEU A 259 45.11 -8.04 -18.84
N ASP A 260 44.83 -8.77 -17.74
CA ASP A 260 45.25 -10.15 -17.58
C ASP A 260 44.39 -11.11 -18.39
N GLU A 261 44.75 -12.39 -18.38
CA GLU A 261 44.03 -13.40 -19.15
C GLU A 261 42.54 -13.50 -18.82
N ASP A 262 42.22 -13.44 -17.53
CA ASP A 262 40.83 -13.51 -17.09
C ASP A 262 40.05 -12.29 -17.53
N GLY A 263 40.64 -11.11 -17.35
CA GLY A 263 40.03 -9.86 -17.79
C GLY A 263 39.74 -9.86 -19.28
N ARG A 264 40.73 -10.31 -20.07
CA ARG A 264 40.61 -10.36 -21.52
C ARG A 264 39.47 -11.28 -21.92
N SER A 265 39.41 -12.43 -21.26
CA SER A 265 38.37 -13.42 -21.50
C SER A 265 36.99 -12.79 -21.28
N LEU A 266 36.80 -12.16 -20.11
CA LEU A 266 35.51 -11.58 -19.80
C LEU A 266 35.19 -10.43 -20.76
N LEU A 267 36.18 -9.56 -21.02
CA LEU A 267 35.95 -8.45 -21.94
C LEU A 267 35.53 -8.92 -23.33
N SER A 268 36.20 -9.94 -23.87
CA SER A 268 35.87 -10.44 -25.19
C SER A 268 34.45 -11.00 -25.24
N GLN A 269 34.01 -11.66 -24.16
CA GLN A 269 32.67 -12.19 -24.10
C GLN A 269 31.60 -11.11 -23.98
N MET A 270 31.96 -9.96 -23.41
CA MET A 270 31.05 -8.83 -23.34
C MET A 270 30.94 -8.12 -24.68
N LEU A 271 32.01 -8.18 -25.48
CA LEU A 271 32.07 -7.48 -26.76
C LEU A 271 31.89 -8.43 -27.96
N HIS A 272 31.24 -9.57 -27.74
CA HIS A 272 30.95 -10.49 -28.83
C HIS A 272 30.00 -9.81 -29.81
N TYR A 273 30.26 -9.95 -31.11
CA TYR A 273 29.43 -9.34 -32.14
C TYR A 273 27.99 -9.86 -32.06
N ASP A 274 27.85 -11.18 -32.02
CA ASP A 274 26.54 -11.82 -32.06
C ASP A 274 25.86 -11.57 -30.71
N PRO A 275 24.72 -10.84 -30.69
CA PRO A 275 24.03 -10.56 -29.44
C PRO A 275 23.62 -11.85 -28.72
N ASN A 276 23.37 -12.93 -29.49
CA ASN A 276 23.02 -14.22 -28.91
C ASN A 276 24.15 -14.92 -28.15
N LYS A 277 25.40 -14.65 -28.53
CA LYS A 277 26.55 -15.27 -27.88
C LYS A 277 27.16 -14.38 -26.80
N ARG A 278 26.82 -13.09 -26.84
CA ARG A 278 27.35 -12.13 -25.88
C ARG A 278 26.91 -12.59 -24.48
N ILE A 279 27.82 -12.49 -23.50
CA ILE A 279 27.57 -13.02 -22.17
C ILE A 279 26.46 -12.19 -21.48
N SER A 280 25.63 -12.84 -20.67
CA SER A 280 24.65 -12.14 -19.85
C SER A 280 25.29 -11.64 -18.57
N ALA A 281 24.65 -10.65 -17.93
CA ALA A 281 25.13 -10.12 -16.66
C ALA A 281 25.16 -11.21 -15.60
N LYS A 282 24.07 -11.98 -15.55
CA LYS A 282 23.94 -13.11 -14.66
C LYS A 282 25.12 -14.07 -14.78
N ALA A 283 25.46 -14.48 -16.01
CA ALA A 283 26.55 -15.43 -16.23
C ALA A 283 27.93 -14.85 -15.96
N ALA A 284 28.12 -13.56 -16.29
CA ALA A 284 29.38 -12.88 -16.07
C ALA A 284 29.74 -12.80 -14.58
N LEU A 285 28.73 -12.72 -13.71
CA LEU A 285 28.97 -12.69 -12.27
C LEU A 285 29.82 -13.87 -11.78
N ALA A 286 29.73 -15.00 -12.49
CA ALA A 286 30.49 -16.19 -12.16
C ALA A 286 31.84 -16.29 -12.85
N HIS A 287 32.21 -15.30 -13.67
CA HIS A 287 33.46 -15.39 -14.41
C HIS A 287 34.67 -15.42 -13.47
N PRO A 288 35.71 -16.24 -13.75
CA PRO A 288 36.90 -16.30 -12.89
C PRO A 288 37.59 -14.97 -12.61
N PHE A 289 37.37 -13.97 -13.45
CA PHE A 289 37.91 -12.64 -13.20
C PHE A 289 37.57 -12.13 -11.79
N PHE A 290 36.39 -12.50 -11.29
CA PHE A 290 35.90 -12.00 -10.01
C PHE A 290 36.25 -12.84 -8.78
N GLN A 291 37.09 -13.87 -8.95
CA GLN A 291 37.33 -14.80 -7.85
C GLN A 291 37.85 -14.15 -6.57
N ASP A 292 38.62 -13.06 -6.71
N ASP A 292 38.61 -13.06 -6.69
CA ASP A 292 39.26 -12.42 -5.58
CA ASP A 292 39.22 -12.45 -5.51
C ASP A 292 38.67 -11.05 -5.22
C ASP A 292 38.60 -11.14 -5.04
N VAL A 293 37.37 -10.84 -5.50
CA VAL A 293 36.71 -9.58 -5.15
C VAL A 293 36.43 -9.43 -3.67
N GLY B 1 17.17 -17.06 -29.10
CA GLY B 1 18.30 -16.19 -28.88
C GLY B 1 17.99 -15.10 -27.85
N VAL B 2 18.85 -14.09 -27.78
CA VAL B 2 18.75 -13.05 -26.77
C VAL B 2 17.44 -12.25 -26.85
N ASN B 3 16.80 -12.21 -28.02
CA ASN B 3 15.48 -11.58 -28.15
C ASN B 3 14.40 -12.26 -27.32
N GLU B 4 14.65 -13.51 -26.92
CA GLU B 4 13.79 -14.24 -26.01
C GLU B 4 14.36 -14.31 -24.59
N VAL B 5 15.41 -13.53 -24.32
CA VAL B 5 16.10 -13.51 -23.03
C VAL B 5 16.10 -14.84 -22.30
N PRO B 6 16.84 -15.86 -22.80
CA PRO B 6 16.88 -17.17 -22.17
C PRO B 6 17.28 -17.12 -20.70
N ASP B 7 18.23 -16.24 -20.37
CA ASP B 7 18.78 -16.17 -19.02
C ASP B 7 17.88 -15.46 -18.02
N TYR B 8 16.79 -14.82 -18.51
CA TYR B 8 15.94 -14.00 -17.67
C TYR B 8 14.44 -14.27 -17.78
N HIS B 9 14.01 -15.07 -18.76
CA HIS B 9 12.57 -15.19 -19.02
C HIS B 9 11.79 -15.81 -17.85
N GLU B 10 12.43 -16.73 -17.10
CA GLU B 10 11.82 -17.31 -15.91
C GLU B 10 11.69 -16.30 -14.77
N ASP B 11 12.79 -15.59 -14.46
CA ASP B 11 12.75 -14.51 -13.49
C ASP B 11 11.66 -13.51 -13.85
N ILE B 12 11.59 -13.15 -15.15
CA ILE B 12 10.63 -12.17 -15.60
C ILE B 12 9.20 -12.69 -15.43
N HIS B 13 8.94 -13.93 -15.83
CA HIS B 13 7.64 -14.55 -15.63
C HIS B 13 7.20 -14.56 -14.16
N THR B 14 8.10 -14.99 -13.27
CA THR B 14 7.84 -14.97 -11.84
C THR B 14 7.50 -13.58 -11.31
N TYR B 15 8.27 -12.57 -11.74
CA TYR B 15 8.05 -11.19 -11.33
C TYR B 15 6.70 -10.66 -11.82
N LEU B 16 6.35 -10.97 -13.08
CA LEU B 16 5.08 -10.52 -13.62
C LEU B 16 3.90 -11.14 -12.86
N ARG B 17 4.04 -12.41 -12.46
CA ARG B 17 3.01 -13.07 -11.68
C ARG B 17 2.77 -12.38 -10.34
N GLU B 18 3.85 -11.86 -9.75
CA GLU B 18 3.77 -11.11 -8.51
C GLU B 18 3.09 -9.76 -8.76
N MET B 19 3.49 -9.09 -9.85
CA MET B 19 3.03 -7.75 -10.13
C MET B 19 1.56 -7.70 -10.57
N GLU B 20 1.09 -8.73 -11.27
CA GLU B 20 -0.28 -8.75 -11.73
C GLU B 20 -1.25 -8.84 -10.55
N VAL B 21 -0.81 -9.48 -9.45
CA VAL B 21 -1.56 -9.44 -8.21
C VAL B 21 -1.59 -8.03 -7.61
N LYS B 22 -0.44 -7.34 -7.55
CA LYS B 22 -0.40 -5.97 -7.09
C LYS B 22 -1.24 -5.02 -7.96
N CYS B 23 -1.21 -5.19 -9.29
CA CYS B 23 -1.86 -4.29 -10.21
C CYS B 23 -3.32 -4.65 -10.49
N LYS B 24 -3.92 -5.50 -9.66
CA LYS B 24 -5.23 -6.04 -9.97
C LYS B 24 -6.32 -5.06 -9.54
N PRO B 25 -7.30 -4.74 -10.41
CA PRO B 25 -8.45 -3.94 -10.01
C PRO B 25 -9.29 -4.66 -8.96
N LYS B 26 -10.07 -3.90 -8.17
CA LYS B 26 -11.10 -4.49 -7.32
C LYS B 26 -12.16 -5.18 -8.19
N VAL B 27 -12.42 -6.47 -7.90
CA VAL B 27 -13.33 -7.27 -8.69
C VAL B 27 -14.75 -6.71 -8.72
N GLY B 28 -15.21 -6.17 -7.59
CA GLY B 28 -16.59 -5.69 -7.52
C GLY B 28 -16.78 -4.17 -7.63
N TYR B 29 -15.92 -3.41 -8.15
CA TYR B 29 -15.99 -1.92 -8.05
C TYR B 29 -17.15 -1.31 -8.79
N MET B 30 -17.66 -2.02 -9.86
CA MET B 30 -18.68 -1.35 -10.66
C MET B 30 -19.98 -1.16 -9.88
N LYS B 31 -20.28 -2.10 -8.97
CA LYS B 31 -21.45 -2.00 -8.12
C LYS B 31 -21.34 -0.83 -7.14
N LYS B 32 -20.11 -0.44 -6.82
CA LYS B 32 -19.85 0.68 -5.93
C LYS B 32 -19.76 2.02 -6.67
N GLN B 33 -19.89 1.99 -8.00
CA GLN B 33 -19.96 3.19 -8.81
C GLN B 33 -21.43 3.58 -9.00
N PRO B 34 -21.89 4.71 -8.40
CA PRO B 34 -23.30 5.07 -8.48
C PRO B 34 -23.80 5.36 -9.90
N ASP B 35 -22.94 5.93 -10.76
CA ASP B 35 -23.40 6.50 -12.01
C ASP B 35 -22.93 5.79 -13.28
N ILE B 36 -22.05 4.77 -13.13
CA ILE B 36 -21.55 4.05 -14.28
C ILE B 36 -21.70 2.53 -14.11
N THR B 37 -21.77 1.85 -15.27
CA THR B 37 -22.13 0.45 -15.39
C THR B 37 -21.11 -0.27 -16.26
N ASN B 38 -21.16 -1.61 -16.22
CA ASN B 38 -20.31 -2.43 -17.07
C ASN B 38 -20.50 -2.06 -18.55
N SER B 39 -21.75 -1.79 -18.92
CA SER B 39 -22.11 -1.46 -20.29
C SER B 39 -21.45 -0.16 -20.77
N MET B 40 -21.40 0.84 -19.89
CA MET B 40 -20.73 2.09 -20.19
C MET B 40 -19.23 1.89 -20.40
N ARG B 41 -18.65 0.99 -19.60
CA ARG B 41 -17.24 0.70 -19.64
C ARG B 41 -16.89 -0.04 -20.92
N ALA B 42 -17.79 -0.95 -21.33
CA ALA B 42 -17.68 -1.68 -22.58
C ALA B 42 -17.63 -0.72 -23.77
N ILE B 43 -18.48 0.30 -23.74
CA ILE B 43 -18.49 1.33 -24.78
C ILE B 43 -17.16 2.06 -24.81
N LEU B 44 -16.63 2.40 -23.62
CA LEU B 44 -15.38 3.13 -23.53
C LEU B 44 -14.22 2.33 -24.10
N VAL B 45 -14.08 1.07 -23.66
CA VAL B 45 -12.99 0.23 -24.11
C VAL B 45 -13.08 0.00 -25.62
N ASP B 46 -14.31 -0.18 -26.13
CA ASP B 46 -14.51 -0.37 -27.55
C ASP B 46 -14.05 0.83 -28.36
N TRP B 47 -14.32 2.04 -27.83
CA TRP B 47 -13.84 3.28 -28.40
C TRP B 47 -12.32 3.37 -28.35
N LEU B 48 -11.70 2.94 -27.24
CA LEU B 48 -10.25 2.94 -27.12
C LEU B 48 -9.60 1.97 -28.11
N VAL B 49 -10.32 0.90 -28.48
CA VAL B 49 -9.87 0.02 -29.55
C VAL B 49 -9.81 0.77 -30.87
N GLU B 50 -10.87 1.51 -31.22
CA GLU B 50 -10.89 2.34 -32.41
C GLU B 50 -9.76 3.37 -32.39
N VAL B 51 -9.60 4.06 -31.27
CA VAL B 51 -8.55 5.05 -31.14
C VAL B 51 -7.19 4.39 -31.42
N GLY B 52 -6.97 3.22 -30.80
CA GLY B 52 -5.78 2.42 -31.07
C GLY B 52 -5.54 2.15 -32.54
N GLU B 53 -6.62 1.88 -33.31
CA GLU B 53 -6.56 1.64 -34.74
C GLU B 53 -6.31 2.91 -35.55
N GLU B 54 -7.11 3.95 -35.26
CA GLU B 54 -6.93 5.26 -35.84
C GLU B 54 -5.47 5.76 -35.78
N TYR B 55 -4.78 5.49 -34.66
CA TYR B 55 -3.42 5.98 -34.47
C TYR B 55 -2.35 4.91 -34.58
N LYS B 56 -2.76 3.69 -34.95
CA LYS B 56 -1.85 2.58 -35.14
C LYS B 56 -0.97 2.39 -33.91
N LEU B 57 -1.63 2.34 -32.75
CA LEU B 57 -0.95 2.13 -31.49
C LEU B 57 -0.75 0.63 -31.33
N GLN B 58 0.23 0.27 -30.49
CA GLN B 58 0.45 -1.10 -30.07
C GLN B 58 -0.76 -1.63 -29.30
N ASN B 59 -1.00 -2.92 -29.42
CA ASN B 59 -2.01 -3.59 -28.62
C ASN B 59 -1.68 -3.52 -27.14
N GLU B 60 -0.37 -3.58 -26.82
CA GLU B 60 0.09 -3.50 -25.44
C GLU B 60 -0.38 -2.17 -24.82
N THR B 61 -0.35 -1.10 -25.62
CA THR B 61 -0.78 0.22 -25.16
C THR B 61 -2.24 0.18 -24.71
N LEU B 62 -3.09 -0.47 -25.53
CA LEU B 62 -4.51 -0.61 -25.23
C LEU B 62 -4.72 -1.37 -23.92
N HIS B 63 -4.03 -2.49 -23.75
CA HIS B 63 -4.13 -3.28 -22.53
C HIS B 63 -3.70 -2.48 -21.29
N LEU B 64 -2.61 -1.71 -21.40
CA LEU B 64 -2.16 -0.86 -20.31
C LEU B 64 -3.25 0.15 -19.93
N ALA B 65 -3.81 0.84 -20.92
CA ALA B 65 -4.82 1.85 -20.66
C ALA B 65 -6.01 1.26 -19.89
N VAL B 66 -6.47 0.07 -20.29
CA VAL B 66 -7.60 -0.57 -19.64
C VAL B 66 -7.25 -0.89 -18.19
N ASN B 67 -6.01 -1.35 -17.95
CA ASN B 67 -5.53 -1.59 -16.59
C ASN B 67 -5.59 -0.32 -15.74
N TYR B 68 -5.17 0.81 -16.32
CA TYR B 68 -5.13 2.07 -15.61
C TYR B 68 -6.53 2.53 -15.23
N ILE B 69 -7.47 2.37 -16.18
CA ILE B 69 -8.85 2.76 -15.99
C ILE B 69 -9.47 1.96 -14.85
N ASP B 70 -9.32 0.62 -14.92
CA ASP B 70 -9.95 -0.26 -13.95
C ASP B 70 -9.41 -0.06 -12.55
N ARG B 71 -8.10 0.23 -12.42
CA ARG B 71 -7.53 0.54 -11.11
C ARG B 71 -8.03 1.89 -10.61
N PHE B 72 -8.14 2.86 -11.52
CA PHE B 72 -8.59 4.19 -11.15
C PHE B 72 -10.03 4.14 -10.64
N LEU B 73 -10.91 3.48 -11.41
CA LEU B 73 -12.30 3.32 -11.05
C LEU B 73 -12.52 2.43 -9.83
N SER B 74 -11.49 1.70 -9.41
CA SER B 74 -11.53 0.96 -8.16
C SER B 74 -11.45 1.84 -6.91
N SER B 75 -10.91 3.06 -7.02
CA SER B 75 -10.95 3.96 -5.87
C SER B 75 -11.62 5.32 -6.09
N MET B 76 -11.95 5.67 -7.33
CA MET B 76 -12.54 6.97 -7.63
C MET B 76 -13.90 6.83 -8.29
N SER B 77 -14.92 7.41 -7.67
CA SER B 77 -16.24 7.50 -8.27
C SER B 77 -16.19 8.52 -9.40
N VAL B 78 -16.81 8.16 -10.54
CA VAL B 78 -16.79 9.00 -11.73
C VAL B 78 -18.20 9.10 -12.31
N LEU B 79 -18.63 10.32 -12.63
CA LEU B 79 -19.89 10.53 -13.30
C LEU B 79 -19.76 10.12 -14.78
N ARG B 80 -20.86 9.65 -15.38
CA ARG B 80 -20.82 9.14 -16.73
C ARG B 80 -20.20 10.15 -17.71
N GLY B 81 -20.52 11.44 -17.50
CA GLY B 81 -19.97 12.52 -18.30
C GLY B 81 -18.44 12.65 -18.29
N LYS B 82 -17.80 12.09 -17.26
CA LYS B 82 -16.35 12.19 -17.11
C LYS B 82 -15.62 10.88 -17.38
N LEU B 83 -16.37 9.82 -17.66
CA LEU B 83 -15.75 8.52 -17.89
C LEU B 83 -14.79 8.55 -19.07
N GLN B 84 -15.17 9.25 -20.14
CA GLN B 84 -14.30 9.34 -21.31
C GLN B 84 -13.03 10.15 -21.03
N LEU B 85 -13.11 11.11 -20.10
CA LEU B 85 -11.95 11.90 -19.73
C LEU B 85 -10.90 11.04 -19.05
N VAL B 86 -11.35 10.15 -18.15
CA VAL B 86 -10.48 9.18 -17.50
C VAL B 86 -9.81 8.31 -18.56
N GLY B 87 -10.62 7.75 -19.45
CA GLY B 87 -10.13 6.90 -20.52
C GLY B 87 -9.14 7.58 -21.45
N THR B 88 -9.41 8.84 -21.83
CA THR B 88 -8.50 9.58 -22.69
C THR B 88 -7.15 9.78 -22.00
N ALA B 89 -7.17 10.14 -20.71
CA ALA B 89 -5.95 10.37 -19.96
C ALA B 89 -5.17 9.07 -19.77
N ALA B 90 -5.89 7.97 -19.55
CA ALA B 90 -5.28 6.66 -19.43
C ALA B 90 -4.55 6.27 -20.71
N MET B 91 -5.20 6.52 -21.85
CA MET B 91 -4.63 6.16 -23.14
C MET B 91 -3.40 7.01 -23.44
N LEU B 92 -3.42 8.28 -23.00
CA LEU B 92 -2.30 9.18 -23.16
C LEU B 92 -1.09 8.67 -22.35
N LEU B 93 -1.34 8.26 -21.11
CA LEU B 93 -0.29 7.77 -20.23
C LEU B 93 0.29 6.47 -20.77
N ALA B 94 -0.57 5.57 -21.22
CA ALA B 94 -0.14 4.29 -21.80
C ALA B 94 0.70 4.53 -23.04
N SER B 95 0.30 5.49 -23.87
CA SER B 95 1.05 5.89 -25.05
C SER B 95 2.42 6.43 -24.66
N LYS B 96 2.49 7.34 -23.68
CA LYS B 96 3.78 7.87 -23.28
C LYS B 96 4.69 6.76 -22.73
N PHE B 97 4.10 5.78 -22.04
CA PHE B 97 4.86 4.68 -21.48
C PHE B 97 5.38 3.75 -22.56
N GLU B 98 4.49 3.32 -23.44
CA GLU B 98 4.73 2.18 -24.30
C GLU B 98 5.12 2.50 -25.75
N GLU B 99 4.69 3.66 -26.27
CA GLU B 99 4.90 3.98 -27.68
C GLU B 99 6.24 4.68 -27.94
N ILE B 100 6.83 4.37 -29.10
CA ILE B 100 7.98 5.10 -29.61
C ILE B 100 7.59 6.53 -29.96
N TYR B 101 6.47 6.67 -30.70
CA TYR B 101 5.99 7.96 -31.14
C TYR B 101 4.56 8.17 -30.65
N PRO B 102 4.35 8.55 -29.37
CA PRO B 102 2.99 8.73 -28.85
C PRO B 102 2.29 9.86 -29.58
N PRO B 103 0.94 9.82 -29.76
CA PRO B 103 0.24 10.98 -30.31
C PRO B 103 0.35 12.14 -29.33
N GLU B 104 0.31 13.36 -29.87
CA GLU B 104 0.33 14.56 -29.07
C GLU B 104 -0.96 14.69 -28.27
N VAL B 105 -0.90 15.46 -27.19
CA VAL B 105 -2.07 15.75 -26.40
C VAL B 105 -3.21 16.27 -27.28
N ALA B 106 -2.89 17.17 -28.22
CA ALA B 106 -3.90 17.76 -29.08
C ALA B 106 -4.72 16.71 -29.81
N GLU B 107 -4.07 15.63 -30.24
CA GLU B 107 -4.73 14.55 -30.94
C GLU B 107 -5.70 13.81 -30.02
N PHE B 108 -5.32 13.63 -28.75
CA PHE B 108 -6.19 13.03 -27.75
C PHE B 108 -7.38 13.93 -27.40
N VAL B 109 -7.22 15.25 -27.55
CA VAL B 109 -8.33 16.18 -27.38
C VAL B 109 -9.25 16.07 -28.59
N TYR B 110 -8.66 15.97 -29.78
CA TYR B 110 -9.41 15.86 -31.03
C TYR B 110 -10.34 14.64 -31.05
N ILE B 111 -9.84 13.46 -30.64
CA ILE B 111 -10.67 12.26 -30.69
C ILE B 111 -11.85 12.24 -29.72
N THR B 112 -11.87 13.12 -28.71
CA THR B 112 -13.03 13.24 -27.85
C THR B 112 -14.08 14.20 -28.39
N ASP B 113 -13.97 14.56 -29.68
CA ASP B 113 -14.84 15.52 -30.36
C ASP B 113 -15.00 16.83 -29.60
N ASP B 114 -13.89 17.29 -29.00
CA ASP B 114 -13.87 18.44 -28.12
C ASP B 114 -14.95 18.42 -27.03
N THR B 115 -15.26 17.23 -26.51
CA THR B 115 -16.04 17.12 -25.30
C THR B 115 -15.24 17.78 -24.16
N TYR B 116 -13.92 17.57 -24.18
CA TYR B 116 -13.04 18.08 -23.15
C TYR B 116 -12.02 19.05 -23.72
N THR B 117 -11.45 19.88 -22.85
CA THR B 117 -10.36 20.78 -23.18
C THR B 117 -9.01 20.10 -22.95
N LYS B 118 -7.96 20.67 -23.55
CA LYS B 118 -6.61 20.19 -23.35
C LYS B 118 -6.23 20.25 -21.88
N LYS B 119 -6.63 21.34 -21.20
CA LYS B 119 -6.32 21.51 -19.79
C LYS B 119 -6.96 20.42 -18.94
N GLN B 120 -8.19 20.02 -19.28
CA GLN B 120 -8.85 18.94 -18.57
C GLN B 120 -8.13 17.61 -18.74
N VAL B 121 -7.68 17.33 -19.96
CA VAL B 121 -6.93 16.12 -20.24
C VAL B 121 -5.65 16.09 -19.40
N LEU B 122 -4.92 17.21 -19.39
CA LEU B 122 -3.66 17.28 -18.66
C LEU B 122 -3.86 17.17 -17.16
N ARG B 123 -4.94 17.75 -16.64
CA ARG B 123 -5.21 17.69 -15.18
C ARG B 123 -5.65 16.27 -14.80
N MET B 124 -6.40 15.61 -15.68
CA MET B 124 -6.80 14.23 -15.42
C MET B 124 -5.58 13.32 -15.49
N GLU B 125 -4.64 13.60 -16.39
CA GLU B 125 -3.39 12.80 -16.46
C GLU B 125 -2.69 12.85 -15.09
N HIS B 126 -2.59 14.05 -14.51
CA HIS B 126 -1.96 14.21 -13.18
C HIS B 126 -2.73 13.40 -12.15
N LEU B 127 -4.06 13.54 -12.14
CA LEU B 127 -4.88 12.85 -11.12
C LEU B 127 -4.66 11.34 -11.27
N VAL B 128 -4.68 10.85 -12.50
CA VAL B 128 -4.48 9.42 -12.69
C VAL B 128 -3.11 8.98 -12.18
N LEU B 129 -2.07 9.78 -12.44
CA LEU B 129 -0.74 9.46 -11.94
C LEU B 129 -0.72 9.46 -10.42
N LYS B 130 -1.44 10.40 -9.80
CA LYS B 130 -1.48 10.47 -8.34
C LYS B 130 -2.16 9.22 -7.78
N VAL B 131 -3.31 8.86 -8.34
CA VAL B 131 -4.10 7.73 -7.87
C VAL B 131 -3.37 6.41 -8.02
N LEU B 132 -2.64 6.21 -9.13
CA LEU B 132 -1.89 4.99 -9.37
C LEU B 132 -0.50 5.05 -8.74
N ALA B 133 -0.18 6.18 -8.09
CA ALA B 133 1.16 6.46 -7.58
C ALA B 133 2.27 6.12 -8.57
N PHE B 134 2.04 6.42 -9.85
CA PHE B 134 2.96 6.15 -10.95
C PHE B 134 3.31 4.67 -11.19
N ASP B 135 2.52 3.73 -10.64
CA ASP B 135 2.74 2.32 -10.94
C ASP B 135 2.15 1.95 -12.28
N LEU B 136 2.88 2.25 -13.35
CA LEU B 136 2.37 2.10 -14.71
C LEU B 136 2.87 0.86 -15.45
N ALA B 137 3.99 0.28 -14.99
CA ALA B 137 4.53 -0.93 -15.61
C ALA B 137 3.76 -2.19 -15.18
N ALA B 138 2.47 -2.23 -15.51
CA ALA B 138 1.59 -3.32 -15.14
C ALA B 138 1.71 -4.47 -16.14
N PRO B 139 1.66 -5.74 -15.66
CA PRO B 139 1.55 -6.88 -16.55
C PRO B 139 0.21 -6.91 -17.27
N THR B 140 0.26 -7.24 -18.56
CA THR B 140 -0.91 -7.36 -19.40
C THR B 140 -1.10 -8.80 -19.85
N ILE B 141 -2.30 -9.09 -20.36
CA ILE B 141 -2.56 -10.34 -21.04
C ILE B 141 -1.47 -10.62 -22.07
N ASN B 142 -1.07 -9.58 -22.82
CA ASN B 142 -0.15 -9.78 -23.93
C ASN B 142 1.27 -10.18 -23.51
N GLN B 143 1.74 -9.59 -22.41
CA GLN B 143 3.06 -9.93 -21.89
C GLN B 143 3.15 -11.42 -21.57
N PHE B 144 2.03 -12.00 -21.11
CA PHE B 144 1.99 -13.43 -20.82
C PHE B 144 1.88 -14.22 -22.12
N LEU B 145 0.97 -13.79 -23.01
CA LEU B 145 0.73 -14.46 -24.27
C LEU B 145 2.02 -14.68 -25.09
N THR B 146 2.80 -13.60 -25.25
CA THR B 146 4.00 -13.67 -26.06
C THR B 146 4.98 -14.70 -25.52
N GLN B 147 5.05 -14.84 -24.19
CA GLN B 147 5.87 -15.88 -23.58
C GLN B 147 5.35 -17.28 -23.83
N TYR B 148 4.02 -17.43 -23.74
CA TYR B 148 3.36 -18.70 -24.00
C TYR B 148 3.55 -19.13 -25.46
N PHE B 149 3.59 -18.14 -26.37
CA PHE B 149 3.76 -18.41 -27.80
C PHE B 149 5.04 -19.18 -28.10
N LEU B 150 6.08 -18.96 -27.28
CA LEU B 150 7.34 -19.65 -27.43
C LEU B 150 7.27 -21.16 -27.16
N HIS B 151 6.14 -21.66 -26.67
CA HIS B 151 5.96 -23.08 -26.47
C HIS B 151 5.20 -23.79 -27.60
N GLN B 152 4.83 -23.05 -28.64
N GLN B 152 4.82 -23.05 -28.65
CA GLN B 152 4.26 -23.64 -29.84
CA GLN B 152 4.24 -23.67 -29.83
C GLN B 152 5.29 -24.51 -30.56
C GLN B 152 5.29 -24.50 -30.57
N GLN B 153 4.82 -25.61 -31.15
CA GLN B 153 5.67 -26.52 -31.92
C GLN B 153 4.96 -27.00 -33.18
N PRO B 154 5.14 -26.35 -34.36
CA PRO B 154 5.91 -25.12 -34.50
C PRO B 154 5.04 -23.89 -34.27
N ALA B 155 5.65 -22.70 -34.43
CA ALA B 155 4.92 -21.44 -34.34
C ALA B 155 3.84 -21.39 -35.43
N ASN B 156 2.67 -20.85 -35.07
CA ASN B 156 1.56 -20.70 -36.00
C ASN B 156 0.93 -19.33 -35.79
N CYS B 157 0.90 -18.52 -36.86
CA CYS B 157 0.50 -17.12 -36.77
C CYS B 157 -1.00 -16.92 -36.55
N LYS B 158 -1.82 -17.85 -37.06
CA LYS B 158 -3.26 -17.81 -36.81
C LYS B 158 -3.56 -18.09 -35.34
N VAL B 159 -2.84 -19.04 -34.74
CA VAL B 159 -2.95 -19.30 -33.32
C VAL B 159 -2.58 -18.06 -32.51
N GLU B 160 -1.49 -17.39 -32.91
CA GLU B 160 -1.05 -16.21 -32.18
C GLU B 160 -2.05 -15.08 -32.29
N SER B 161 -2.44 -14.73 -33.51
CA SER B 161 -3.45 -13.68 -33.71
C SER B 161 -4.79 -14.01 -33.05
N LEU B 162 -5.22 -15.28 -33.13
CA LEU B 162 -6.51 -15.66 -32.57
C LEU B 162 -6.48 -15.48 -31.05
N ALA B 163 -5.38 -15.88 -30.42
CA ALA B 163 -5.20 -15.69 -28.99
C ALA B 163 -5.23 -14.21 -28.57
N MET B 164 -4.59 -13.34 -29.37
CA MET B 164 -4.58 -11.90 -29.13
C MET B 164 -6.01 -11.37 -29.19
N PHE B 165 -6.75 -11.81 -30.23
CA PHE B 165 -8.12 -11.42 -30.44
C PHE B 165 -9.00 -11.72 -29.24
N LEU B 166 -8.92 -12.95 -28.75
CA LEU B 166 -9.73 -13.43 -27.63
C LEU B 166 -9.36 -12.67 -26.36
N GLY B 167 -8.06 -12.45 -26.16
CA GLY B 167 -7.58 -11.65 -25.05
C GLY B 167 -8.16 -10.23 -25.06
N GLU B 168 -8.22 -9.62 -26.25
CA GLU B 168 -8.80 -8.28 -26.39
C GLU B 168 -10.30 -8.25 -26.11
N LEU B 169 -11.03 -9.28 -26.55
CA LEU B 169 -12.46 -9.37 -26.27
C LEU B 169 -12.74 -9.29 -24.77
N SER B 170 -11.87 -9.90 -23.96
CA SER B 170 -12.03 -9.94 -22.51
C SER B 170 -11.91 -8.55 -21.87
N LEU B 171 -11.18 -7.64 -22.51
CA LEU B 171 -11.09 -6.27 -22.04
C LEU B 171 -12.46 -5.57 -21.98
N ILE B 172 -13.40 -5.98 -22.85
CA ILE B 172 -14.66 -5.28 -23.00
C ILE B 172 -15.61 -5.50 -21.83
N ASP B 173 -15.63 -6.74 -21.31
CA ASP B 173 -16.65 -7.18 -20.38
C ASP B 173 -16.06 -7.38 -18.98
N ALA B 174 -16.24 -6.36 -18.13
CA ALA B 174 -15.76 -6.40 -16.74
C ALA B 174 -16.36 -7.57 -15.97
N ASP B 175 -17.63 -7.85 -16.26
CA ASP B 175 -18.25 -9.08 -15.81
C ASP B 175 -18.29 -10.03 -17.00
N PRO B 176 -17.56 -11.18 -17.00
CA PRO B 176 -16.85 -11.69 -15.81
C PRO B 176 -15.35 -11.45 -15.68
N TYR B 177 -14.70 -10.78 -16.65
CA TYR B 177 -13.26 -10.91 -16.75
C TYR B 177 -12.43 -10.18 -15.69
N LEU B 178 -13.04 -9.25 -14.95
CA LEU B 178 -12.36 -8.63 -13.82
C LEU B 178 -11.96 -9.64 -12.74
N LYS B 179 -12.66 -10.79 -12.66
CA LYS B 179 -12.30 -11.78 -11.66
C LYS B 179 -11.06 -12.60 -12.02
N TYR B 180 -10.58 -12.50 -13.26
CA TYR B 180 -9.43 -13.28 -13.70
C TYR B 180 -8.19 -12.40 -13.89
N LEU B 181 -7.04 -12.94 -13.47
CA LEU B 181 -5.74 -12.31 -13.66
C LEU B 181 -5.29 -12.39 -15.11
N PRO B 182 -4.50 -11.42 -15.60
CA PRO B 182 -3.99 -11.46 -16.97
C PRO B 182 -3.40 -12.80 -17.41
N SER B 183 -2.62 -13.43 -16.52
CA SER B 183 -1.92 -14.65 -16.85
C SER B 183 -2.88 -15.82 -17.07
N VAL B 184 -4.03 -15.79 -16.38
CA VAL B 184 -5.07 -16.79 -16.55
C VAL B 184 -5.88 -16.57 -17.83
N ILE B 185 -6.29 -15.33 -18.10
CA ILE B 185 -6.99 -15.03 -19.34
C ILE B 185 -6.10 -15.40 -20.53
N ALA B 186 -4.81 -15.07 -20.42
CA ALA B 186 -3.87 -15.36 -21.49
C ALA B 186 -3.77 -16.87 -21.75
N ALA B 187 -3.74 -17.65 -20.66
CA ALA B 187 -3.69 -19.09 -20.76
C ALA B 187 -4.95 -19.62 -21.44
N ALA B 188 -6.12 -19.15 -21.00
CA ALA B 188 -7.38 -19.58 -21.58
C ALA B 188 -7.44 -19.25 -23.06
N ALA B 189 -7.04 -18.01 -23.39
CA ALA B 189 -7.01 -17.54 -24.76
C ALA B 189 -6.07 -18.38 -25.62
N PHE B 190 -4.88 -18.68 -25.09
CA PHE B 190 -3.90 -19.45 -25.83
C PHE B 190 -4.42 -20.86 -26.12
N HIS B 191 -5.00 -21.51 -25.10
CA HIS B 191 -5.53 -22.87 -25.27
C HIS B 191 -6.66 -22.90 -26.27
N LEU B 192 -7.57 -21.94 -26.13
CA LEU B 192 -8.75 -21.89 -26.98
C LEU B 192 -8.35 -21.65 -28.43
N ALA B 193 -7.40 -20.73 -28.62
CA ALA B 193 -6.88 -20.43 -29.95
C ALA B 193 -6.18 -21.64 -30.58
N LEU B 194 -5.30 -22.28 -29.80
CA LEU B 194 -4.59 -23.48 -30.20
C LEU B 194 -5.57 -24.58 -30.59
N TYR B 195 -6.54 -24.83 -29.71
CA TYR B 195 -7.55 -25.85 -29.95
C TYR B 195 -8.37 -25.55 -31.21
N THR B 196 -8.78 -24.29 -31.39
CA THR B 196 -9.60 -23.91 -32.53
C THR B 196 -8.88 -24.09 -33.87
N VAL B 197 -7.60 -23.72 -33.93
CA VAL B 197 -6.86 -23.75 -35.18
C VAL B 197 -6.30 -25.15 -35.46
N THR B 198 -5.74 -25.81 -34.45
CA THR B 198 -5.00 -27.05 -34.63
C THR B 198 -5.56 -28.30 -33.94
N GLY B 199 -6.57 -28.14 -33.08
CA GLY B 199 -7.06 -29.26 -32.29
C GLY B 199 -6.22 -29.62 -31.06
N GLN B 200 -5.02 -29.02 -30.93
CA GLN B 200 -4.13 -29.32 -29.81
C GLN B 200 -4.57 -28.59 -28.56
N SER B 201 -3.98 -28.97 -27.42
CA SER B 201 -4.33 -28.41 -26.12
C SER B 201 -3.15 -27.78 -25.41
N TRP B 202 -3.48 -26.98 -24.39
CA TRP B 202 -2.51 -26.43 -23.44
C TRP B 202 -1.37 -27.41 -23.21
N PRO B 203 -0.13 -27.08 -23.63
CA PRO B 203 0.98 -28.04 -23.55
C PRO B 203 1.54 -28.23 -22.15
N GLU B 204 2.06 -29.44 -21.93
CA GLU B 204 2.67 -29.84 -20.67
C GLU B 204 3.78 -28.88 -20.25
N SER B 205 4.53 -28.36 -21.24
CA SER B 205 5.63 -27.46 -20.96
C SER B 205 5.18 -26.15 -20.30
N LEU B 206 3.94 -25.73 -20.59
CA LEU B 206 3.36 -24.54 -19.99
C LEU B 206 2.70 -24.84 -18.65
N VAL B 207 2.29 -26.10 -18.45
CA VAL B 207 1.95 -26.58 -17.12
C VAL B 207 3.16 -26.43 -16.21
N GLN B 208 4.34 -26.87 -16.70
CA GLN B 208 5.59 -26.74 -15.97
C GLN B 208 5.88 -25.28 -15.61
N LYS B 209 5.74 -24.41 -16.61
CA LYS B 209 6.11 -23.02 -16.46
C LYS B 209 5.16 -22.27 -15.53
N THR B 210 3.85 -22.48 -15.71
CA THR B 210 2.86 -21.63 -15.07
C THR B 210 2.24 -22.23 -13.81
N GLY B 211 2.28 -23.57 -13.67
CA GLY B 211 1.49 -24.26 -12.67
C GLY B 211 0.01 -24.46 -13.03
N TYR B 212 -0.45 -23.84 -14.13
CA TYR B 212 -1.84 -23.93 -14.54
C TYR B 212 -2.12 -25.18 -15.39
N THR B 213 -3.20 -25.89 -15.06
CA THR B 213 -3.72 -26.99 -15.85
C THR B 213 -5.04 -26.59 -16.49
N LEU B 214 -5.54 -27.44 -17.40
CA LEU B 214 -6.87 -27.25 -17.95
C LEU B 214 -7.95 -27.22 -16.87
N GLU B 215 -7.72 -27.94 -15.76
CA GLU B 215 -8.61 -27.84 -14.62
C GLU B 215 -8.62 -26.43 -14.04
N THR B 216 -7.43 -25.87 -13.74
CA THR B 216 -7.31 -24.52 -13.24
C THR B 216 -7.99 -23.49 -14.14
N LEU B 217 -7.77 -23.65 -15.45
CA LEU B 217 -8.24 -22.69 -16.43
C LEU B 217 -9.71 -22.88 -16.82
N LYS B 218 -10.32 -23.96 -16.33
CA LYS B 218 -11.65 -24.37 -16.77
C LYS B 218 -12.69 -23.26 -16.64
N PRO B 219 -12.86 -22.59 -15.47
CA PRO B 219 -13.85 -21.53 -15.35
C PRO B 219 -13.69 -20.41 -16.38
N CYS B 220 -12.45 -19.90 -16.50
CA CYS B 220 -12.13 -18.86 -17.46
C CYS B 220 -12.34 -19.32 -18.90
N LEU B 221 -11.91 -20.55 -19.20
CA LEU B 221 -12.14 -21.14 -20.51
C LEU B 221 -13.62 -21.13 -20.90
N LEU B 222 -14.48 -21.51 -19.94
CA LEU B 222 -15.90 -21.59 -20.21
C LEU B 222 -16.51 -20.22 -20.50
N ASP B 223 -16.08 -19.19 -19.77
CA ASP B 223 -16.55 -17.83 -20.05
C ASP B 223 -16.04 -17.36 -21.41
N LEU B 224 -14.74 -17.58 -21.66
CA LEU B 224 -14.11 -17.10 -22.87
C LEU B 224 -14.64 -17.81 -24.11
N HIS B 225 -15.03 -19.08 -23.96
CA HIS B 225 -15.68 -19.81 -25.04
C HIS B 225 -17.04 -19.21 -25.34
N GLN B 226 -17.79 -18.86 -24.29
CA GLN B 226 -19.08 -18.21 -24.44
C GLN B 226 -18.92 -16.86 -25.15
N THR B 227 -17.91 -16.09 -24.73
CA THR B 227 -17.67 -14.78 -25.31
C THR B 227 -17.38 -14.90 -26.81
N TYR B 228 -16.57 -15.90 -27.17
CA TYR B 228 -16.18 -16.15 -28.54
C TYR B 228 -17.41 -16.51 -29.38
N LEU B 229 -18.27 -17.40 -28.86
CA LEU B 229 -19.46 -17.84 -29.56
C LEU B 229 -20.43 -16.68 -29.78
N ARG B 230 -20.56 -15.81 -28.78
CA ARG B 230 -21.52 -14.71 -28.82
C ARG B 230 -20.98 -13.46 -29.52
N ALA B 231 -19.68 -13.45 -29.84
CA ALA B 231 -19.01 -12.23 -30.27
C ALA B 231 -19.68 -11.53 -31.45
N PRO B 232 -20.15 -12.25 -32.50
CA PRO B 232 -20.93 -11.60 -33.56
C PRO B 232 -22.17 -10.84 -33.10
N GLN B 233 -22.72 -11.23 -31.94
CA GLN B 233 -23.94 -10.64 -31.40
C GLN B 233 -23.67 -9.48 -30.43
N HIS B 234 -22.44 -9.40 -29.90
CA HIS B 234 -22.11 -8.42 -28.89
C HIS B 234 -22.42 -7.03 -29.43
N ALA B 235 -22.88 -6.12 -28.56
CA ALA B 235 -23.13 -4.75 -28.94
C ALA B 235 -21.88 -4.03 -29.45
N GLN B 236 -20.72 -4.34 -28.87
CA GLN B 236 -19.43 -3.80 -29.28
C GLN B 236 -18.72 -4.69 -30.31
N GLN B 237 -18.33 -4.10 -31.45
CA GLN B 237 -17.81 -4.85 -32.58
C GLN B 237 -16.45 -4.42 -33.10
N SER B 238 -15.83 -3.44 -32.45
CA SER B 238 -14.60 -2.85 -33.00
C SER B 238 -13.44 -3.85 -33.03
N ILE B 239 -13.40 -4.78 -32.07
CA ILE B 239 -12.34 -5.78 -32.05
C ILE B 239 -12.52 -6.76 -33.19
N ARG B 240 -13.77 -7.20 -33.44
CA ARG B 240 -14.01 -8.10 -34.56
C ARG B 240 -13.61 -7.44 -35.88
N GLU B 241 -13.97 -6.17 -36.06
CA GLU B 241 -13.62 -5.43 -37.26
C GLU B 241 -12.09 -5.35 -37.42
N LYS B 242 -11.41 -4.98 -36.34
CA LYS B 242 -9.97 -4.84 -36.32
C LYS B 242 -9.28 -6.13 -36.74
N TYR B 243 -9.74 -7.27 -36.19
CA TYR B 243 -9.10 -8.55 -36.46
C TYR B 243 -9.58 -9.24 -37.74
N LYS B 244 -10.43 -8.58 -38.55
CA LYS B 244 -10.65 -9.03 -39.92
C LYS B 244 -9.48 -8.72 -40.84
N ASN B 245 -8.67 -7.73 -40.44
CA ASN B 245 -7.56 -7.24 -41.22
C ASN B 245 -6.41 -8.24 -41.38
N SER B 246 -5.78 -8.22 -42.55
CA SER B 246 -4.68 -9.12 -42.88
C SER B 246 -3.50 -8.99 -41.90
N LYS B 247 -3.35 -7.82 -41.28
CA LYS B 247 -2.35 -7.63 -40.24
C LYS B 247 -2.43 -8.72 -39.16
N TYR B 248 -3.66 -9.11 -38.81
CA TYR B 248 -3.91 -10.15 -37.82
C TYR B 248 -4.47 -11.43 -38.45
N HIS B 249 -4.17 -11.63 -39.73
CA HIS B 249 -4.48 -12.88 -40.42
C HIS B 249 -5.98 -13.16 -40.50
N GLY B 250 -6.81 -12.11 -40.37
CA GLY B 250 -8.26 -12.25 -40.49
C GLY B 250 -8.88 -13.27 -39.52
N VAL B 251 -8.30 -13.38 -38.32
CA VAL B 251 -8.71 -14.41 -37.37
C VAL B 251 -10.14 -14.24 -36.86
N SER B 252 -10.65 -13.02 -36.83
CA SER B 252 -12.02 -12.82 -36.38
C SER B 252 -13.03 -13.49 -37.30
N LEU B 253 -12.60 -13.88 -38.51
CA LEU B 253 -13.44 -14.62 -39.44
C LEU B 253 -13.43 -16.13 -39.22
N LEU B 254 -12.49 -16.64 -38.41
CA LEU B 254 -12.45 -18.07 -38.10
C LEU B 254 -13.69 -18.46 -37.31
N ASN B 255 -14.21 -19.65 -37.56
CA ASN B 255 -15.36 -20.15 -36.83
C ASN B 255 -14.96 -20.66 -35.44
N PRO B 256 -15.67 -20.25 -34.37
CA PRO B 256 -15.42 -20.82 -33.06
C PRO B 256 -15.85 -22.29 -32.99
N PRO B 257 -15.18 -23.12 -32.17
CA PRO B 257 -15.60 -24.51 -31.97
C PRO B 257 -16.87 -24.57 -31.13
N GLU B 258 -17.77 -25.49 -31.45
CA GLU B 258 -19.03 -25.66 -30.74
C GLU B 258 -18.86 -26.22 -29.33
N THR B 259 -17.78 -26.99 -29.10
CA THR B 259 -17.50 -27.65 -27.83
C THR B 259 -16.00 -27.74 -27.57
N LEU B 260 -15.61 -27.92 -26.31
CA LEU B 260 -14.19 -27.95 -25.94
C LEU B 260 -13.63 -29.30 -25.54
N ASN B 261 -14.51 -30.23 -25.13
CA ASN B 261 -14.09 -31.55 -24.66
C ASN B 261 -13.13 -31.49 -23.47
N VAL B 262 -13.36 -30.53 -22.57
CA VAL B 262 -12.60 -30.42 -21.33
C VAL B 262 -13.39 -31.20 -20.24
N SER C 4 -3.24 21.00 -4.31
CA SER C 4 -3.74 19.99 -3.37
C SER C 4 -5.27 19.90 -3.48
N MET C 5 -5.90 21.04 -3.17
CA MET C 5 -7.34 21.18 -3.19
C MET C 5 -7.81 21.78 -4.50
N GLU C 6 -6.91 21.91 -5.47
CA GLU C 6 -7.25 22.56 -6.74
C GLU C 6 -8.32 21.83 -7.56
N ASN C 7 -8.46 20.51 -7.36
CA ASN C 7 -9.51 19.79 -8.07
C ASN C 7 -10.84 19.77 -7.34
N PHE C 8 -10.92 20.36 -6.16
CA PHE C 8 -12.19 20.48 -5.47
C PHE C 8 -12.76 21.90 -5.55
N GLN C 9 -14.07 21.97 -5.84
CA GLN C 9 -14.82 23.22 -5.91
C GLN C 9 -15.85 23.18 -4.79
N LYS C 10 -15.70 24.09 -3.81
CA LYS C 10 -16.62 24.15 -2.69
C LYS C 10 -17.97 24.61 -3.22
N VAL C 11 -19.05 24.02 -2.69
CA VAL C 11 -20.40 24.28 -3.14
C VAL C 11 -21.17 25.07 -2.08
N GLU C 12 -21.10 24.63 -0.83
CA GLU C 12 -21.80 25.28 0.26
C GLU C 12 -21.30 24.71 1.59
N LYS C 13 -21.54 25.46 2.68
CA LYS C 13 -21.27 24.99 4.02
C LYS C 13 -22.38 23.99 4.40
N ILE C 14 -22.00 22.87 5.04
CA ILE C 14 -23.01 21.89 5.43
C ILE C 14 -23.04 21.65 6.94
N GLY C 15 -22.07 22.20 7.66
CA GLY C 15 -22.10 22.10 9.10
C GLY C 15 -20.79 22.51 9.78
N GLU C 16 -20.78 22.31 11.10
CA GLU C 16 -19.65 22.60 11.96
C GLU C 16 -19.37 21.32 12.73
N GLY C 17 -18.23 21.32 13.44
CA GLY C 17 -17.78 20.18 14.22
C GLY C 17 -16.57 20.60 15.04
N THR C 18 -16.01 19.65 15.80
CA THR C 18 -14.90 19.92 16.70
C THR C 18 -13.70 20.59 16.02
N TYR C 19 -13.34 20.08 14.83
CA TYR C 19 -12.13 20.51 14.13
C TYR C 19 -12.26 21.88 13.48
N GLY C 20 -13.42 22.07 12.83
CA GLY C 20 -13.67 23.27 12.04
C GLY C 20 -15.02 23.20 11.34
N VAL C 21 -15.04 23.62 10.06
CA VAL C 21 -16.25 23.68 9.27
C VAL C 21 -16.24 22.53 8.26
N VAL C 22 -17.44 22.11 7.84
CA VAL C 22 -17.60 21.06 6.84
C VAL C 22 -18.26 21.68 5.61
N TYR C 23 -17.63 21.44 4.44
CA TYR C 23 -18.14 21.94 3.17
C TYR C 23 -18.57 20.77 2.30
N LYS C 24 -19.65 20.99 1.53
CA LYS C 24 -19.98 20.13 0.42
C LYS C 24 -19.13 20.62 -0.74
N ALA C 25 -18.51 19.68 -1.46
CA ALA C 25 -17.63 20.04 -2.57
C ALA C 25 -17.79 19.06 -3.72
N ARG C 26 -17.29 19.48 -4.89
CA ARG C 26 -17.41 18.70 -6.11
C ARG C 26 -16.00 18.50 -6.67
N ASN C 27 -15.65 17.26 -7.00
CA ASN C 27 -14.42 16.97 -7.72
C ASN C 27 -14.61 17.41 -9.16
N LYS C 28 -13.80 18.39 -9.62
CA LYS C 28 -14.00 19.01 -10.92
C LYS C 28 -13.67 18.07 -12.09
N LEU C 29 -12.82 17.07 -11.84
CA LEU C 29 -12.41 16.15 -12.88
C LEU C 29 -13.30 14.91 -12.98
N THR C 30 -13.71 14.34 -11.83
CA THR C 30 -14.53 13.14 -11.82
C THR C 30 -16.03 13.38 -11.65
N GLY C 31 -16.41 14.57 -11.17
CA GLY C 31 -17.80 14.88 -10.84
C GLY C 31 -18.26 14.41 -9.46
N GLU C 32 -17.40 13.73 -8.70
CA GLU C 32 -17.78 13.21 -7.40
C GLU C 32 -18.09 14.33 -6.41
N VAL C 33 -19.24 14.22 -5.73
CA VAL C 33 -19.63 15.12 -4.68
C VAL C 33 -19.12 14.56 -3.35
N VAL C 34 -18.52 15.43 -2.53
CA VAL C 34 -17.84 15.01 -1.31
C VAL C 34 -18.15 15.96 -0.17
N ALA C 35 -17.81 15.55 1.05
CA ALA C 35 -17.74 16.46 2.18
C ALA C 35 -16.28 16.63 2.56
N LEU C 36 -15.86 17.89 2.70
CA LEU C 36 -14.52 18.26 3.10
C LEU C 36 -14.54 18.73 4.55
N LYS C 37 -13.77 18.06 5.39
CA LYS C 37 -13.59 18.45 6.78
C LYS C 37 -12.22 19.11 6.90
N LYS C 38 -12.18 20.43 7.07
CA LYS C 38 -10.93 21.16 7.27
C LYS C 38 -10.53 21.09 8.74
N ILE C 39 -9.27 20.70 9.01
CA ILE C 39 -8.75 20.57 10.36
C ILE C 39 -7.51 21.46 10.46
N ARG C 40 -7.59 22.49 11.30
CA ARG C 40 -6.47 23.38 11.55
C ARG C 40 -5.41 22.67 12.39
N LEU C 41 -4.15 22.76 11.92
CA LEU C 41 -3.03 22.18 12.63
C LEU C 41 -2.38 23.30 13.43
N ASP C 42 -2.26 23.06 14.73
CA ASP C 42 -1.64 23.99 15.66
C ASP C 42 -0.12 23.84 15.55
N THR C 43 0.45 24.39 14.47
CA THR C 43 1.82 24.08 14.08
C THR C 43 2.93 24.70 14.93
N GLU C 44 2.60 25.63 15.82
CA GLU C 44 3.57 26.14 16.79
C GLU C 44 3.28 25.69 18.22
N THR C 45 2.16 24.99 18.43
CA THR C 45 1.72 24.67 19.78
C THR C 45 1.44 23.19 20.02
N GLU C 46 0.30 22.67 19.57
CA GLU C 46 -0.09 21.33 19.98
C GLU C 46 -0.16 20.32 18.84
N GLY C 47 0.06 20.76 17.60
CA GLY C 47 0.20 19.85 16.48
C GLY C 47 -1.13 19.26 16.07
N VAL C 48 -1.11 18.02 15.57
CA VAL C 48 -2.30 17.39 15.06
C VAL C 48 -3.14 16.98 16.26
N PRO C 49 -4.44 17.37 16.32
CA PRO C 49 -5.26 17.02 17.48
C PRO C 49 -5.56 15.52 17.55
N SER C 50 -5.63 15.00 18.78
CA SER C 50 -5.87 13.59 18.99
C SER C 50 -7.21 13.11 18.46
N THR C 51 -8.21 14.00 18.46
CA THR C 51 -9.49 13.72 17.84
C THR C 51 -9.30 13.27 16.39
N ALA C 52 -8.46 14.00 15.65
CA ALA C 52 -8.25 13.72 14.25
C ALA C 52 -7.38 12.48 14.05
N ILE C 53 -6.38 12.27 14.92
CA ILE C 53 -5.55 11.08 14.87
C ILE C 53 -6.36 9.81 15.08
N ARG C 54 -7.30 9.84 16.03
CA ARG C 54 -8.22 8.75 16.20
C ARG C 54 -9.23 8.60 15.06
N GLU C 55 -9.85 9.71 14.65
CA GLU C 55 -10.84 9.64 13.57
C GLU C 55 -10.22 9.02 12.32
N ILE C 56 -9.09 9.55 11.88
CA ILE C 56 -8.50 9.12 10.62
C ILE C 56 -8.00 7.68 10.73
N SER C 57 -7.20 7.39 11.76
CA SER C 57 -6.65 6.05 11.95
C SER C 57 -7.72 4.97 12.06
N LEU C 58 -8.80 5.25 12.78
CA LEU C 58 -9.86 4.26 12.95
C LEU C 58 -10.72 4.11 11.70
N LEU C 59 -11.05 5.22 11.02
CA LEU C 59 -11.83 5.14 9.79
C LEU C 59 -11.09 4.47 8.63
N LYS C 60 -9.75 4.52 8.63
CA LYS C 60 -8.97 3.83 7.62
C LYS C 60 -9.16 2.32 7.69
N GLU C 61 -9.34 1.80 8.91
CA GLU C 61 -9.62 0.38 9.12
C GLU C 61 -11.05 -0.02 8.80
N LEU C 62 -12.00 0.86 9.12
CA LEU C 62 -13.40 0.49 9.11
C LEU C 62 -14.00 0.69 7.72
N ASN C 63 -13.98 -0.36 6.90
CA ASN C 63 -14.62 -0.32 5.60
C ASN C 63 -15.88 -1.18 5.58
N HIS C 64 -17.04 -0.51 5.60
CA HIS C 64 -18.34 -1.17 5.69
C HIS C 64 -19.42 -0.29 5.07
N PRO C 65 -20.45 -0.86 4.41
CA PRO C 65 -21.47 -0.03 3.76
C PRO C 65 -22.24 0.92 4.69
N ASN C 66 -22.27 0.61 5.99
CA ASN C 66 -22.97 1.44 6.96
C ASN C 66 -22.02 2.23 7.87
N ILE C 67 -20.78 2.42 7.41
CA ILE C 67 -19.85 3.34 8.03
C ILE C 67 -19.41 4.34 6.96
N VAL C 68 -19.51 5.63 7.30
CA VAL C 68 -19.12 6.69 6.38
C VAL C 68 -17.71 6.42 5.88
N LYS C 69 -17.53 6.61 4.58
CA LYS C 69 -16.27 6.32 3.93
C LYS C 69 -15.37 7.55 3.88
N LEU C 70 -14.17 7.41 4.46
CA LEU C 70 -13.09 8.38 4.29
C LEU C 70 -12.38 8.07 2.97
N LEU C 71 -12.41 9.00 2.02
CA LEU C 71 -11.86 8.77 0.69
C LEU C 71 -10.38 9.13 0.59
N ASP C 72 -9.98 10.18 1.32
CA ASP C 72 -8.63 10.70 1.20
C ASP C 72 -8.31 11.62 2.36
N VAL C 73 -7.00 11.86 2.54
CA VAL C 73 -6.52 12.81 3.53
C VAL C 73 -5.47 13.68 2.86
N ILE C 74 -5.77 14.97 2.70
CA ILE C 74 -4.90 15.87 1.98
C ILE C 74 -4.15 16.74 2.98
N HIS C 75 -2.82 16.63 2.90
CA HIS C 75 -1.93 17.31 3.82
C HIS C 75 -1.43 18.61 3.19
N THR C 76 -1.40 19.67 4.00
CA THR C 76 -0.51 20.79 3.78
C THR C 76 0.32 20.88 5.05
N GLU C 77 1.25 21.84 5.08
CA GLU C 77 2.00 22.13 6.28
C GLU C 77 1.09 22.65 7.39
N ASN C 78 0.03 23.37 7.00
CA ASN C 78 -0.83 24.06 7.95
C ASN C 78 -2.23 23.49 8.13
N LYS C 79 -2.66 22.61 7.22
CA LYS C 79 -3.99 22.03 7.29
C LYS C 79 -4.05 20.56 6.94
N LEU C 80 -5.10 19.92 7.47
CA LEU C 80 -5.56 18.62 7.06
C LEU C 80 -6.96 18.78 6.47
N TYR C 81 -7.17 18.21 5.28
CA TYR C 81 -8.49 18.09 4.70
C TYR C 81 -8.88 16.62 4.65
N LEU C 82 -10.00 16.28 5.30
CA LEU C 82 -10.54 14.93 5.21
C LEU C 82 -11.61 14.92 4.12
N VAL C 83 -11.44 14.04 3.12
CA VAL C 83 -12.40 13.90 2.04
C VAL C 83 -13.29 12.70 2.33
N PHE C 84 -14.60 12.97 2.50
CA PHE C 84 -15.61 11.96 2.79
C PHE C 84 -16.61 11.83 1.64
N GLU C 85 -17.23 10.65 1.54
CA GLU C 85 -18.37 10.50 0.65
C GLU C 85 -19.43 11.47 1.16
N PHE C 86 -20.17 12.10 0.23
CA PHE C 86 -21.25 13.00 0.60
C PHE C 86 -22.54 12.22 0.81
N LEU C 87 -23.25 12.51 1.90
CA LEU C 87 -24.56 11.93 2.14
C LEU C 87 -25.52 13.10 2.38
N HIS C 88 -26.70 13.00 1.76
CA HIS C 88 -27.67 14.08 1.64
C HIS C 88 -28.01 14.84 2.92
N GLN C 89 -28.26 14.10 4.01
CA GLN C 89 -28.43 14.73 5.32
C GLN C 89 -28.28 13.74 6.48
N ASP C 90 -28.47 14.26 7.70
CA ASP C 90 -28.41 13.46 8.91
C ASP C 90 -29.80 13.11 9.44
N LEU C 91 -29.84 12.12 10.34
CA LEU C 91 -31.09 11.52 10.78
C LEU C 91 -31.92 12.49 11.60
N LYS C 92 -31.26 13.40 12.32
CA LYS C 92 -31.94 14.42 13.11
C LYS C 92 -32.77 15.34 12.22
N LYS C 93 -32.16 15.86 11.15
CA LYS C 93 -32.86 16.73 10.22
C LYS C 93 -34.02 16.02 9.53
N PHE C 94 -33.77 14.75 9.16
CA PHE C 94 -34.79 13.91 8.56
C PHE C 94 -35.99 13.71 9.49
N MET C 95 -35.71 13.37 10.75
CA MET C 95 -36.75 13.25 11.75
C MET C 95 -37.56 14.53 11.91
N ASP C 96 -36.87 15.67 12.05
CA ASP C 96 -37.53 16.96 12.17
C ASP C 96 -38.37 17.32 10.96
N ALA C 97 -37.82 17.08 9.75
CA ALA C 97 -38.55 17.16 8.51
C ALA C 97 -39.80 16.28 8.45
N SER C 98 -39.70 15.10 9.08
CA SER C 98 -40.83 14.17 9.15
C SER C 98 -41.76 14.43 10.34
N ALA C 99 -41.83 15.68 10.81
CA ALA C 99 -42.59 16.01 12.00
C ALA C 99 -44.08 15.75 11.81
N LEU C 100 -44.61 16.19 10.66
CA LEU C 100 -46.03 16.09 10.39
C LEU C 100 -46.40 14.81 9.64
N THR C 101 -45.46 14.21 8.91
CA THR C 101 -45.77 13.04 8.09
C THR C 101 -45.45 11.69 8.75
N GLY C 102 -44.74 11.70 9.88
CA GLY C 102 -44.23 10.45 10.44
C GLY C 102 -43.22 9.75 9.55
N ILE C 103 -42.43 8.86 10.16
CA ILE C 103 -41.53 7.97 9.43
C ILE C 103 -42.21 6.60 9.33
N PRO C 104 -42.38 6.03 8.12
CA PRO C 104 -42.97 4.69 8.01
C PRO C 104 -42.11 3.63 8.70
N LEU C 105 -42.80 2.67 9.32
CA LEU C 105 -42.17 1.64 10.12
C LEU C 105 -41.15 0.81 9.34
N PRO C 106 -41.41 0.38 8.07
CA PRO C 106 -40.41 -0.35 7.30
C PRO C 106 -39.07 0.37 7.18
N LEU C 107 -39.12 1.70 7.05
CA LEU C 107 -37.90 2.49 6.95
C LEU C 107 -37.18 2.59 8.29
N ILE C 108 -37.95 2.66 9.39
CA ILE C 108 -37.37 2.65 10.73
C ILE C 108 -36.62 1.33 10.95
N LYS C 109 -37.28 0.22 10.58
CA LYS C 109 -36.69 -1.10 10.70
C LYS C 109 -35.42 -1.24 9.86
N SER C 110 -35.51 -0.85 8.58
CA SER C 110 -34.35 -0.86 7.70
C SER C 110 -33.18 -0.09 8.30
N TYR C 111 -33.48 1.10 8.81
CA TYR C 111 -32.44 1.98 9.34
C TYR C 111 -31.80 1.38 10.59
N LEU C 112 -32.62 0.87 11.52
CA LEU C 112 -32.08 0.27 12.72
C LEU C 112 -31.20 -0.95 12.37
N PHE C 113 -31.65 -1.75 11.40
CA PHE C 113 -30.91 -2.92 10.95
C PHE C 113 -29.54 -2.51 10.42
N GLN C 114 -29.51 -1.46 9.61
CA GLN C 114 -28.28 -0.97 9.05
C GLN C 114 -27.36 -0.40 10.12
N LEU C 115 -27.93 0.37 11.05
CA LEU C 115 -27.17 0.92 12.15
C LEU C 115 -26.50 -0.18 12.96
N LEU C 116 -27.24 -1.27 13.20
CA LEU C 116 -26.72 -2.41 13.94
C LEU C 116 -25.63 -3.15 13.16
N GLN C 117 -25.76 -3.23 11.84
CA GLN C 117 -24.71 -3.83 11.02
C GLN C 117 -23.42 -3.02 11.08
N GLY C 118 -23.55 -1.70 10.98
CA GLY C 118 -22.41 -0.81 11.12
C GLY C 118 -21.73 -0.96 12.47
N LEU C 119 -22.55 -0.98 13.53
CA LEU C 119 -22.04 -1.03 14.89
C LEU C 119 -21.39 -2.37 15.21
N ALA C 120 -22.00 -3.46 14.76
CA ALA C 120 -21.42 -4.79 14.90
C ALA C 120 -20.02 -4.85 14.28
N PHE C 121 -19.86 -4.21 13.12
CA PHE C 121 -18.59 -4.15 12.44
C PHE C 121 -17.58 -3.37 13.27
N CYS C 122 -17.98 -2.25 13.87
CA CYS C 122 -17.11 -1.51 14.78
C CYS C 122 -16.60 -2.39 15.91
N HIS C 123 -17.55 -3.03 16.61
CA HIS C 123 -17.23 -3.82 17.78
C HIS C 123 -16.41 -5.05 17.43
N SER C 124 -16.70 -5.66 16.28
CA SER C 124 -15.88 -6.75 15.75
C SER C 124 -14.45 -6.31 15.43
N HIS C 125 -14.26 -5.01 15.20
CA HIS C 125 -12.94 -4.45 14.95
C HIS C 125 -12.43 -3.58 16.10
N ARG C 126 -12.81 -3.97 17.33
CA ARG C 126 -12.44 -3.33 18.58
C ARG C 126 -12.48 -1.79 18.60
N VAL C 127 -13.52 -1.22 18.00
CA VAL C 127 -13.77 0.22 18.08
C VAL C 127 -15.09 0.54 18.78
N LEU C 128 -15.02 1.37 19.83
CA LEU C 128 -16.20 2.00 20.40
C LEU C 128 -16.44 3.32 19.69
N HIS C 129 -17.70 3.61 19.32
CA HIS C 129 -18.05 4.88 18.72
C HIS C 129 -18.14 6.00 19.76
N ARG C 130 -18.99 5.80 20.77
CA ARG C 130 -19.08 6.67 21.94
C ARG C 130 -19.71 8.03 21.70
N ASP C 131 -20.36 8.21 20.53
CA ASP C 131 -21.16 9.41 20.33
C ASP C 131 -22.28 9.14 19.33
N LEU C 132 -23.00 8.04 19.53
CA LEU C 132 -24.09 7.70 18.65
C LEU C 132 -25.28 8.59 19.01
N LYS C 133 -25.68 9.40 18.04
CA LYS C 133 -26.84 10.27 18.16
C LYS C 133 -27.27 10.63 16.75
N PRO C 134 -28.54 11.05 16.54
CA PRO C 134 -29.07 11.21 15.19
C PRO C 134 -28.27 12.17 14.30
N GLN C 135 -27.65 13.18 14.92
CA GLN C 135 -26.84 14.16 14.21
C GLN C 135 -25.59 13.54 13.58
N ASN C 136 -25.17 12.37 14.08
CA ASN C 136 -23.98 11.68 13.60
C ASN C 136 -24.30 10.46 12.75
N LEU C 137 -25.58 10.32 12.35
CA LEU C 137 -26.01 9.24 11.47
C LEU C 137 -26.49 9.88 10.17
N LEU C 138 -25.85 9.51 9.05
CA LEU C 138 -26.09 10.13 7.76
C LEU C 138 -26.89 9.20 6.86
N ILE C 139 -27.84 9.76 6.12
CA ILE C 139 -28.65 9.01 5.19
C ILE C 139 -28.42 9.55 3.78
N ASN C 140 -28.59 8.69 2.76
CA ASN C 140 -28.67 9.14 1.38
C ASN C 140 -30.09 8.99 0.84
N THR C 141 -30.29 9.32 -0.44
CA THR C 141 -31.60 9.28 -1.05
C THR C 141 -32.06 7.86 -1.40
N GLU C 142 -31.13 6.90 -1.36
CA GLU C 142 -31.38 5.54 -1.81
C GLU C 142 -31.80 4.58 -0.70
N GLY C 143 -31.80 5.05 0.55
CA GLY C 143 -32.31 4.26 1.66
C GLY C 143 -31.23 3.69 2.57
N ALA C 144 -29.97 4.10 2.37
CA ALA C 144 -28.90 3.71 3.28
C ALA C 144 -28.77 4.67 4.45
N ILE C 145 -28.25 4.16 5.59
CA ILE C 145 -27.85 5.01 6.70
C ILE C 145 -26.47 4.57 7.16
N LYS C 146 -25.64 5.51 7.62
CA LYS C 146 -24.27 5.22 8.03
C LYS C 146 -23.83 5.95 9.30
N LEU C 147 -23.02 5.26 10.11
CA LEU C 147 -22.40 5.85 11.27
C LEU C 147 -21.39 6.89 10.79
N ALA C 148 -21.39 8.06 11.42
CA ALA C 148 -20.41 9.08 11.09
C ALA C 148 -19.84 9.71 12.37
N ASP C 149 -18.89 10.62 12.18
CA ASP C 149 -18.24 11.38 13.24
C ASP C 149 -17.57 10.47 14.27
N PHE C 150 -16.42 9.91 13.86
CA PHE C 150 -15.64 9.05 14.72
C PHE C 150 -14.58 9.78 15.55
N GLY C 151 -14.80 11.08 15.79
CA GLY C 151 -13.87 11.90 16.55
C GLY C 151 -13.76 11.47 18.01
N LEU C 152 -14.87 10.98 18.57
CA LEU C 152 -14.91 10.52 19.95
C LEU C 152 -14.67 9.02 20.09
N ALA C 153 -14.36 8.36 19.00
CA ALA C 153 -14.21 6.91 18.99
C ALA C 153 -12.91 6.48 19.64
N ARG C 154 -12.77 5.16 19.86
CA ARG C 154 -11.68 4.62 20.64
C ARG C 154 -11.41 3.16 20.29
N ALA C 155 -10.14 2.83 20.05
CA ALA C 155 -9.75 1.45 19.87
C ALA C 155 -9.56 0.83 21.25
N PHE C 156 -10.37 -0.19 21.58
CA PHE C 156 -10.29 -0.83 22.88
C PHE C 156 -9.50 -2.13 22.86
N GLY C 157 -9.07 -2.56 24.05
CA GLY C 157 -8.49 -3.87 24.25
C GLY C 157 -9.46 -4.76 25.02
N VAL C 158 -9.09 -6.05 25.11
CA VAL C 158 -9.92 -7.07 25.74
C VAL C 158 -9.13 -7.70 26.88
N PRO C 159 -9.57 -7.59 28.16
CA PRO C 159 -10.73 -6.79 28.54
C PRO C 159 -10.51 -5.27 28.44
N VAL C 160 -11.60 -4.51 28.48
CA VAL C 160 -11.52 -3.07 28.45
C VAL C 160 -10.80 -2.57 29.69
N ARG C 161 -10.15 -1.42 29.57
CA ARG C 161 -9.64 -0.70 30.72
C ARG C 161 -10.44 0.59 30.86
N THR C 162 -10.06 1.43 31.85
CA THR C 162 -10.72 2.69 32.10
C THR C 162 -10.41 3.67 30.97
N TYR C 163 -11.46 4.17 30.32
CA TYR C 163 -11.31 5.17 29.27
C TYR C 163 -11.93 6.49 29.73
N TPO C 164 -11.96 7.48 28.83
CA TPO C 164 -12.50 8.80 29.11
CB TPO C 164 -12.44 9.67 27.84
CG2 TPO C 164 -12.91 11.10 28.06
OG1 TPO C 164 -11.05 9.71 27.38
P TPO C 164 -10.62 9.00 25.99
O1P TPO C 164 -10.97 7.54 26.15
O2P TPO C 164 -9.15 9.25 25.86
O3P TPO C 164 -11.42 9.66 24.89
C TPO C 164 -13.93 8.67 29.62
O TPO C 164 -14.74 7.98 29.01
N HIS C 165 -14.24 9.35 30.74
CA HIS C 165 -15.59 9.38 31.27
C HIS C 165 -16.51 10.33 30.51
N GLU C 166 -16.01 11.52 30.18
CA GLU C 166 -16.86 12.57 29.63
C GLU C 166 -17.20 12.17 28.19
N VAL C 167 -18.04 11.15 28.02
CA VAL C 167 -18.35 10.61 26.70
C VAL C 167 -19.85 10.41 26.50
N VAL C 168 -20.24 10.55 25.23
CA VAL C 168 -21.62 10.42 24.78
C VAL C 168 -22.42 11.65 25.19
N THR C 169 -23.11 12.25 24.22
CA THR C 169 -24.05 13.32 24.50
C THR C 169 -25.07 12.83 25.52
N LEU C 170 -25.42 13.70 26.47
CA LEU C 170 -26.14 13.33 27.69
C LEU C 170 -27.39 12.49 27.42
N TRP C 171 -28.23 12.93 26.48
CA TRP C 171 -29.49 12.24 26.22
C TRP C 171 -29.32 10.78 25.80
N TYR C 172 -28.13 10.44 25.29
CA TYR C 172 -27.86 9.13 24.71
C TYR C 172 -26.87 8.34 25.56
N ARG C 173 -26.59 8.84 26.77
CA ARG C 173 -25.56 8.29 27.64
C ARG C 173 -26.11 7.18 28.54
N ALA C 174 -25.39 6.04 28.55
CA ALA C 174 -25.81 4.85 29.28
C ALA C 174 -25.73 5.06 30.79
N PRO C 175 -26.58 4.36 31.59
CA PRO C 175 -26.60 4.55 33.03
C PRO C 175 -25.28 4.22 33.72
N GLU C 176 -24.52 3.26 33.17
CA GLU C 176 -23.23 2.90 33.75
C GLU C 176 -22.26 4.07 33.70
N ILE C 177 -22.31 4.88 32.63
CA ILE C 177 -21.47 6.07 32.56
C ILE C 177 -21.97 7.10 33.56
N LEU C 178 -23.29 7.32 33.58
CA LEU C 178 -23.91 8.27 34.48
C LEU C 178 -23.63 7.96 35.96
N LEU C 179 -23.58 6.68 36.32
CA LEU C 179 -23.30 6.27 37.69
C LEU C 179 -21.79 6.13 37.97
N GLY C 180 -20.95 6.60 37.04
CA GLY C 180 -19.51 6.71 37.25
C GLY C 180 -18.74 5.39 37.32
N CYS C 181 -19.22 4.36 36.60
CA CYS C 181 -18.57 3.05 36.64
C CYS C 181 -17.12 3.16 36.16
N LYS C 182 -16.26 2.32 36.73
CA LYS C 182 -14.85 2.26 36.37
C LYS C 182 -14.65 1.85 34.92
N TYR C 183 -15.46 0.89 34.47
CA TYR C 183 -15.33 0.30 33.15
C TYR C 183 -16.66 0.40 32.42
N TYR C 184 -16.58 0.70 31.12
CA TYR C 184 -17.70 0.53 30.20
C TYR C 184 -17.18 -0.10 28.92
N SER C 185 -18.11 -0.63 28.12
CA SER C 185 -17.76 -1.44 26.96
C SER C 185 -18.73 -1.20 25.82
N THR C 186 -18.80 -2.18 24.91
CA THR C 186 -19.65 -2.11 23.73
C THR C 186 -21.10 -1.76 24.04
N ALA C 187 -21.56 -2.14 25.24
CA ALA C 187 -22.94 -1.92 25.66
C ALA C 187 -23.39 -0.46 25.67
N VAL C 188 -22.45 0.48 25.84
CA VAL C 188 -22.82 1.89 25.85
C VAL C 188 -23.27 2.34 24.45
N ASP C 189 -22.71 1.74 23.40
CA ASP C 189 -23.14 2.07 22.04
C ASP C 189 -24.53 1.52 21.78
N ILE C 190 -24.84 0.34 22.35
CA ILE C 190 -26.16 -0.25 22.19
C ILE C 190 -27.21 0.63 22.88
N TRP C 191 -26.89 1.14 24.07
CA TRP C 191 -27.82 1.99 24.78
C TRP C 191 -28.23 3.17 23.90
N SER C 192 -27.23 3.84 23.31
CA SER C 192 -27.49 4.97 22.44
C SER C 192 -28.45 4.61 21.29
N LEU C 193 -28.17 3.48 20.62
CA LEU C 193 -29.01 3.02 19.53
C LEU C 193 -30.43 2.68 19.97
N GLY C 194 -30.57 2.14 21.19
CA GLY C 194 -31.88 1.96 21.79
C GLY C 194 -32.64 3.28 21.89
N CYS C 195 -31.98 4.31 22.42
CA CYS C 195 -32.56 5.64 22.52
C CYS C 195 -32.95 6.13 21.12
N ILE C 196 -32.10 5.85 20.14
CA ILE C 196 -32.34 6.29 18.77
C ILE C 196 -33.51 5.55 18.13
N PHE C 197 -33.59 4.23 18.35
CA PHE C 197 -34.73 3.43 17.91
C PHE C 197 -36.04 4.07 18.37
N ALA C 198 -36.16 4.31 19.68
CA ALA C 198 -37.35 4.93 20.24
C ALA C 198 -37.64 6.28 19.58
N GLU C 199 -36.58 7.07 19.40
CA GLU C 199 -36.68 8.41 18.85
C GLU C 199 -37.15 8.38 17.39
N MET C 200 -36.72 7.38 16.62
CA MET C 200 -37.20 7.21 15.27
C MET C 200 -38.70 6.98 15.25
N VAL C 201 -39.22 6.26 16.26
CA VAL C 201 -40.63 5.91 16.31
C VAL C 201 -41.53 7.08 16.72
N THR C 202 -41.08 7.85 17.72
CA THR C 202 -41.83 8.97 18.27
C THR C 202 -41.40 10.33 17.71
N ARG C 203 -40.17 10.40 17.17
CA ARG C 203 -39.54 11.63 16.72
C ARG C 203 -39.31 12.64 17.84
N ARG C 204 -39.27 12.15 19.09
CA ARG C 204 -38.86 12.94 20.24
C ARG C 204 -37.81 12.12 20.98
N ALA C 205 -36.83 12.80 21.58
CA ALA C 205 -35.80 12.12 22.36
C ALA C 205 -36.47 11.36 23.51
N LEU C 206 -35.96 10.17 23.80
CA LEU C 206 -36.56 9.29 24.79
C LEU C 206 -36.24 9.77 26.19
N PHE C 207 -35.00 10.23 26.42
CA PHE C 207 -34.58 10.71 27.72
C PHE C 207 -33.90 12.08 27.63
N PRO C 208 -34.69 13.18 27.46
CA PRO C 208 -34.11 14.52 27.26
C PRO C 208 -33.78 15.24 28.57
N GLY C 209 -32.77 14.75 29.29
CA GLY C 209 -32.43 15.31 30.59
C GLY C 209 -31.71 16.65 30.46
N ASP C 210 -31.86 17.53 31.46
CA ASP C 210 -31.15 18.79 31.48
C ASP C 210 -30.00 18.79 32.50
N SER C 211 -29.68 17.62 33.06
CA SER C 211 -28.52 17.47 33.93
C SER C 211 -28.25 15.97 34.14
N GLU C 212 -27.13 15.63 34.78
CA GLU C 212 -26.84 14.23 35.04
C GLU C 212 -27.88 13.60 35.97
N ILE C 213 -28.24 14.29 37.05
CA ILE C 213 -29.26 13.80 37.96
C ILE C 213 -30.63 13.70 37.28
N ASP C 214 -30.97 14.70 36.47
CA ASP C 214 -32.24 14.69 35.75
C ASP C 214 -32.28 13.59 34.71
N GLN C 215 -31.15 13.37 34.03
CA GLN C 215 -31.02 12.28 33.07
C GLN C 215 -31.31 10.94 33.74
N LEU C 216 -30.70 10.69 34.90
CA LEU C 216 -30.93 9.46 35.64
C LEU C 216 -32.41 9.28 35.99
N PHE C 217 -32.99 10.33 36.58
CA PHE C 217 -34.37 10.29 37.04
C PHE C 217 -35.32 9.99 35.88
N ARG C 218 -35.03 10.55 34.69
CA ARG C 218 -35.86 10.31 33.53
C ARG C 218 -35.83 8.85 33.08
N ILE C 219 -34.64 8.25 33.10
CA ILE C 219 -34.48 6.85 32.79
C ILE C 219 -35.30 5.98 33.76
N PHE C 220 -35.15 6.26 35.06
CA PHE C 220 -35.81 5.50 36.11
C PHE C 220 -37.33 5.56 36.04
N ARG C 221 -37.86 6.77 35.79
N ARG C 221 -37.86 6.78 35.84
CA ARG C 221 -39.30 6.95 35.74
CA ARG C 221 -39.30 7.01 35.73
C ARG C 221 -39.91 6.24 34.53
C ARG C 221 -39.87 6.14 34.60
N THR C 222 -39.09 5.97 33.52
CA THR C 222 -39.55 5.23 32.34
C THR C 222 -39.34 3.72 32.43
N LEU C 223 -38.17 3.29 32.90
CA LEU C 223 -37.79 1.89 32.88
C LEU C 223 -37.89 1.22 34.24
N GLY C 224 -38.30 2.00 35.25
CA GLY C 224 -38.39 1.52 36.62
C GLY C 224 -37.05 1.73 37.33
N THR C 225 -37.10 2.00 38.63
CA THR C 225 -35.89 2.23 39.40
C THR C 225 -35.17 0.89 39.53
N PRO C 226 -33.90 0.77 39.11
CA PRO C 226 -33.20 -0.53 39.19
C PRO C 226 -32.80 -0.85 40.63
N ASP C 227 -32.80 -2.15 40.94
CA ASP C 227 -32.36 -2.67 42.23
C ASP C 227 -31.43 -3.84 41.96
N GLU C 228 -31.03 -4.57 43.01
CA GLU C 228 -30.07 -5.65 42.88
C GLU C 228 -30.58 -6.81 42.02
N VAL C 229 -31.90 -7.02 41.97
CA VAL C 229 -32.47 -8.12 41.21
C VAL C 229 -32.40 -7.85 39.71
N VAL C 230 -32.68 -6.62 39.27
CA VAL C 230 -32.60 -6.26 37.87
C VAL C 230 -31.14 -6.04 37.44
N TRP C 231 -30.36 -5.44 38.34
CA TRP C 231 -29.01 -5.02 38.02
C TRP C 231 -28.08 -5.28 39.19
N PRO C 232 -27.51 -6.50 39.31
CA PRO C 232 -26.56 -6.80 40.38
C PRO C 232 -25.39 -5.83 40.37
N GLY C 233 -25.11 -5.22 41.53
CA GLY C 233 -24.04 -4.25 41.67
C GLY C 233 -24.49 -2.79 41.66
N VAL C 234 -25.68 -2.51 41.10
CA VAL C 234 -26.16 -1.15 40.93
C VAL C 234 -26.07 -0.34 42.21
N THR C 235 -26.44 -0.93 43.36
CA THR C 235 -26.48 -0.19 44.61
C THR C 235 -25.09 0.15 45.18
N SER C 236 -24.02 -0.48 44.66
CA SER C 236 -22.66 -0.14 45.09
C SER C 236 -21.90 0.66 44.03
N MET C 237 -22.64 1.29 43.09
CA MET C 237 -22.00 2.11 42.08
C MET C 237 -21.57 3.45 42.68
N PRO C 238 -20.44 4.03 42.22
CA PRO C 238 -19.91 5.26 42.79
C PRO C 238 -20.95 6.37 43.01
N ASP C 239 -21.80 6.60 42.00
CA ASP C 239 -22.78 7.68 42.08
C ASP C 239 -24.22 7.22 42.28
N TYR C 240 -24.42 5.95 42.68
CA TYR C 240 -25.73 5.47 43.05
C TYR C 240 -26.07 6.04 44.43
N LYS C 241 -27.33 6.45 44.61
CA LYS C 241 -27.82 6.98 45.87
C LYS C 241 -29.00 6.16 46.42
N PRO C 242 -28.91 5.66 47.67
CA PRO C 242 -30.02 4.93 48.30
C PRO C 242 -31.35 5.68 48.34
N SER C 243 -31.29 7.02 48.39
CA SER C 243 -32.49 7.85 48.44
C SER C 243 -33.30 7.97 47.14
N PHE C 244 -32.76 7.46 46.01
CA PHE C 244 -33.51 7.42 44.77
C PHE C 244 -34.96 6.97 44.93
N PRO C 245 -35.96 7.70 44.40
CA PRO C 245 -37.35 7.23 44.39
C PRO C 245 -37.50 5.88 43.69
N LYS C 246 -38.47 5.08 44.16
CA LYS C 246 -38.78 3.77 43.61
C LYS C 246 -39.93 3.84 42.59
N TRP C 247 -39.59 4.09 41.33
CA TRP C 247 -40.59 4.17 40.27
C TRP C 247 -40.87 2.79 39.69
N ALA C 248 -42.15 2.53 39.41
CA ALA C 248 -42.56 1.34 38.68
C ALA C 248 -42.18 1.49 37.20
N ARG C 249 -41.78 0.37 36.59
CA ARG C 249 -41.51 0.31 35.17
C ARG C 249 -42.82 0.54 34.41
N GLN C 250 -42.81 1.45 33.43
CA GLN C 250 -43.98 1.70 32.63
C GLN C 250 -44.15 0.67 31.52
N ASP C 251 -45.42 0.42 31.16
CA ASP C 251 -45.75 -0.45 30.04
C ASP C 251 -45.14 0.18 28.79
N PHE C 252 -44.38 -0.62 28.04
CA PHE C 252 -43.74 -0.14 26.82
C PHE C 252 -44.73 0.23 25.71
N SER C 253 -45.96 -0.28 25.81
CA SER C 253 -47.06 0.12 24.96
C SER C 253 -47.51 1.57 25.14
N LYS C 254 -47.17 2.20 26.26
CA LYS C 254 -47.40 3.64 26.39
C LYS C 254 -46.14 4.43 26.06
N VAL C 255 -44.97 3.79 26.22
CA VAL C 255 -43.69 4.44 25.98
C VAL C 255 -43.45 4.67 24.49
N VAL C 256 -43.75 3.66 23.67
CA VAL C 256 -43.65 3.76 22.22
C VAL C 256 -44.89 3.16 21.59
N PRO C 257 -46.05 3.86 21.66
CA PRO C 257 -47.33 3.30 21.19
C PRO C 257 -47.35 2.65 19.80
N PRO C 258 -46.73 3.22 18.74
CA PRO C 258 -46.81 2.63 17.41
C PRO C 258 -46.09 1.29 17.25
N LEU C 259 -45.27 0.93 18.24
CA LEU C 259 -44.33 -0.17 18.12
C LEU C 259 -45.00 -1.49 18.46
N ASP C 260 -44.75 -2.51 17.62
CA ASP C 260 -45.32 -3.83 17.77
C ASP C 260 -44.60 -4.63 18.86
N GLU C 261 -45.10 -5.85 19.13
CA GLU C 261 -44.54 -6.68 20.18
C GLU C 261 -43.07 -7.00 19.97
N ASP C 262 -42.68 -7.29 18.73
CA ASP C 262 -41.29 -7.58 18.38
C ASP C 262 -40.40 -6.36 18.60
N GLY C 263 -40.85 -5.19 18.15
CA GLY C 263 -40.10 -3.97 18.36
C GLY C 263 -39.89 -3.67 19.85
N ARG C 264 -40.97 -3.81 20.64
CA ARG C 264 -40.90 -3.56 22.07
C ARG C 264 -39.90 -4.50 22.74
N SER C 265 -39.95 -5.77 22.34
CA SER C 265 -39.04 -6.79 22.83
C SER C 265 -37.58 -6.38 22.57
N LEU C 266 -37.27 -6.03 21.33
CA LEU C 266 -35.92 -5.63 20.98
C LEU C 266 -35.51 -4.35 21.71
N LEU C 267 -36.42 -3.37 21.75
CA LEU C 267 -36.12 -2.12 22.43
C LEU C 267 -35.76 -2.35 23.91
N SER C 268 -36.54 -3.18 24.61
CA SER C 268 -36.26 -3.46 26.00
C SER C 268 -34.91 -4.13 26.20
N GLN C 269 -34.53 -5.03 25.29
CA GLN C 269 -33.23 -5.68 25.37
C GLN C 269 -32.06 -4.73 25.10
N MET C 270 -32.31 -3.68 24.32
CA MET C 270 -31.30 -2.67 24.07
C MET C 270 -31.14 -1.73 25.25
N LEU C 271 -32.23 -1.56 26.02
CA LEU C 271 -32.25 -0.64 27.14
C LEU C 271 -32.19 -1.35 28.49
N HIS C 272 -31.64 -2.56 28.51
CA HIS C 272 -31.46 -3.29 29.75
C HIS C 272 -30.47 -2.51 30.62
N TYR C 273 -30.78 -2.41 31.92
CA TYR C 273 -29.94 -1.69 32.86
C TYR C 273 -28.56 -2.32 32.92
N ASP C 274 -28.52 -3.63 33.14
CA ASP C 274 -27.28 -4.36 33.33
C ASP C 274 -26.53 -4.40 32.01
N PRO C 275 -25.32 -3.78 31.91
CA PRO C 275 -24.55 -3.82 30.67
C PRO C 275 -24.26 -5.24 30.20
N ASN C 276 -24.14 -6.17 31.16
CA ASN C 276 -23.85 -7.56 30.85
C ASN C 276 -25.01 -8.32 30.21
N LYS C 277 -26.25 -7.88 30.48
CA LYS C 277 -27.43 -8.51 29.92
C LYS C 277 -27.93 -7.81 28.67
N ARG C 278 -27.51 -6.57 28.47
CA ARG C 278 -27.92 -5.77 27.33
C ARG C 278 -27.50 -6.50 26.06
N ILE C 279 -28.39 -6.53 25.06
CA ILE C 279 -28.15 -7.28 23.84
C ILE C 279 -26.97 -6.68 23.06
N SER C 280 -26.20 -7.54 22.40
CA SER C 280 -25.14 -7.09 21.50
C SER C 280 -25.73 -6.75 20.13
N ALA C 281 -24.97 -5.99 19.33
CA ALA C 281 -25.38 -5.67 17.98
C ALA C 281 -25.52 -6.96 17.16
N LYS C 282 -24.54 -7.84 17.29
CA LYS C 282 -24.59 -9.16 16.66
C LYS C 282 -25.91 -9.90 16.92
N ALA C 283 -26.28 -10.02 18.21
CA ALA C 283 -27.47 -10.74 18.61
C ALA C 283 -28.76 -10.05 18.15
N ALA C 284 -28.77 -8.71 18.20
CA ALA C 284 -29.93 -7.95 17.78
C ALA C 284 -30.24 -8.13 16.29
N LEU C 285 -29.22 -8.31 15.46
CA LEU C 285 -29.42 -8.54 14.04
C LEU C 285 -30.29 -9.76 13.76
N ALA C 286 -30.28 -10.74 14.67
CA ALA C 286 -31.08 -11.94 14.55
C ALA C 286 -32.46 -11.83 15.20
N HIS C 287 -32.76 -10.69 15.83
CA HIS C 287 -34.03 -10.57 16.53
C HIS C 287 -35.20 -10.68 15.55
N PRO C 288 -36.32 -11.35 15.94
CA PRO C 288 -37.49 -11.49 15.05
C PRO C 288 -38.03 -10.19 14.45
N PHE C 289 -37.75 -9.06 15.10
CA PHE C 289 -38.16 -7.77 14.55
C PHE C 289 -37.69 -7.59 13.09
N PHE C 290 -36.52 -8.13 12.75
CA PHE C 290 -35.92 -7.93 11.44
C PHE C 290 -36.26 -8.99 10.39
N GLN C 291 -37.10 -9.96 10.71
CA GLN C 291 -37.37 -11.05 9.79
C GLN C 291 -37.91 -10.59 8.43
N ASP C 292 -38.66 -9.49 8.41
CA ASP C 292 -39.28 -9.01 7.19
C ASP C 292 -38.67 -7.69 6.72
N VAL C 293 -37.42 -7.42 7.12
CA VAL C 293 -36.78 -6.14 6.82
C VAL C 293 -36.57 -6.03 5.31
N THR C 294 -36.88 -4.84 4.77
CA THR C 294 -36.54 -4.49 3.40
C THR C 294 -35.67 -3.22 3.45
N LYS C 295 -35.43 -2.61 2.29
CA LYS C 295 -34.68 -1.38 2.17
C LYS C 295 -35.46 -0.33 1.38
N PRO C 296 -36.49 0.33 1.97
CA PRO C 296 -37.23 1.37 1.25
C PRO C 296 -36.40 2.64 1.09
N VAL C 297 -36.81 3.52 0.17
CA VAL C 297 -36.18 4.82 0.01
C VAL C 297 -37.00 5.80 0.84
N PRO C 298 -36.38 6.80 1.50
CA PRO C 298 -37.13 7.85 2.21
C PRO C 298 -37.76 8.86 1.26
N HIS C 299 -38.81 9.55 1.73
CA HIS C 299 -39.35 10.69 1.01
C HIS C 299 -38.57 11.95 1.38
N LEU C 300 -37.65 12.37 0.49
CA LEU C 300 -36.77 13.50 0.71
C LEU C 300 -37.08 14.72 -0.18
N GLY D 1 -18.24 -11.01 31.50
CA GLY D 1 -19.33 -10.16 31.06
C GLY D 1 -18.88 -9.26 29.92
N VAL D 2 -19.64 -8.18 29.68
CA VAL D 2 -19.45 -7.34 28.50
C VAL D 2 -18.07 -6.69 28.45
N ASN D 3 -17.42 -6.50 29.60
CA ASN D 3 -16.06 -5.97 29.63
C ASN D 3 -15.04 -6.90 28.97
N GLU D 4 -15.41 -8.18 28.80
CA GLU D 4 -14.61 -9.13 28.05
C GLU D 4 -15.18 -9.42 26.66
N VAL D 5 -16.16 -8.60 26.23
CA VAL D 5 -16.82 -8.73 24.93
C VAL D 5 -16.95 -10.18 24.45
N PRO D 6 -17.79 -11.01 25.11
CA PRO D 6 -17.95 -12.41 24.71
C PRO D 6 -18.34 -12.59 23.25
N ASP D 7 -19.22 -11.71 22.75
CA ASP D 7 -19.73 -11.83 21.40
C ASP D 7 -18.75 -11.38 20.32
N TYR D 8 -17.62 -10.77 20.71
CA TYR D 8 -16.68 -10.20 19.76
C TYR D 8 -15.22 -10.61 19.94
N HIS D 9 -14.86 -11.25 21.06
CA HIS D 9 -13.45 -11.46 21.37
C HIS D 9 -12.74 -12.34 20.33
N GLU D 10 -13.46 -13.30 19.73
CA GLU D 10 -12.91 -14.15 18.69
C GLU D 10 -12.68 -13.39 17.39
N ASP D 11 -13.70 -12.65 16.94
CA ASP D 11 -13.57 -11.78 15.78
C ASP D 11 -12.41 -10.80 15.99
N ILE D 12 -12.32 -10.23 17.20
CA ILE D 12 -11.29 -9.25 17.49
C ILE D 12 -9.91 -9.89 17.43
N HIS D 13 -9.75 -11.07 18.04
CA HIS D 13 -8.50 -11.81 18.00
C HIS D 13 -8.05 -12.10 16.57
N THR D 14 -8.99 -12.61 15.74
CA THR D 14 -8.71 -12.88 14.35
C THR D 14 -8.24 -11.64 13.59
N TYR D 15 -8.93 -10.52 13.82
CA TYR D 15 -8.60 -9.26 13.17
C TYR D 15 -7.24 -8.75 13.60
N LEU D 16 -6.92 -8.84 14.90
CA LEU D 16 -5.63 -8.39 15.41
C LEU D 16 -4.49 -9.20 14.80
N ARG D 17 -4.72 -10.51 14.63
CA ARG D 17 -3.73 -11.37 14.00
C ARG D 17 -3.42 -10.94 12.57
N GLU D 18 -4.45 -10.47 11.88
CA GLU D 18 -4.31 -9.97 10.52
C GLU D 18 -3.57 -8.64 10.53
N MET D 19 -3.91 -7.77 11.47
CA MET D 19 -3.36 -6.42 11.53
C MET D 19 -1.91 -6.39 11.99
N GLU D 20 -1.52 -7.32 12.88
CA GLU D 20 -0.14 -7.35 13.36
C GLU D 20 0.82 -7.72 12.23
N VAL D 21 0.34 -8.51 11.25
CA VAL D 21 1.09 -8.77 10.04
C VAL D 21 1.23 -7.49 9.21
N LYS D 22 0.14 -6.75 9.01
CA LYS D 22 0.19 -5.49 8.30
C LYS D 22 1.10 -4.45 8.96
N CYS D 23 1.05 -4.37 10.31
CA CYS D 23 1.81 -3.36 11.05
C CYS D 23 3.23 -3.80 11.40
N LYS D 24 3.74 -4.83 10.74
CA LYS D 24 5.00 -5.42 11.16
C LYS D 24 6.16 -4.64 10.55
N PRO D 25 7.17 -4.24 11.36
CA PRO D 25 8.37 -3.60 10.81
C PRO D 25 9.14 -4.57 9.92
N LYS D 26 9.99 -4.04 9.03
CA LYS D 26 10.93 -4.87 8.29
C LYS D 26 11.93 -5.51 9.25
N VAL D 27 12.04 -6.85 9.19
CA VAL D 27 12.92 -7.61 10.08
C VAL D 27 14.38 -7.19 9.98
N GLY D 28 14.86 -6.87 8.77
CA GLY D 28 16.26 -6.54 8.61
C GLY D 28 16.59 -5.05 8.49
N TYR D 29 15.76 -4.15 9.05
CA TYR D 29 15.85 -2.74 8.69
C TYR D 29 17.15 -2.12 9.17
N MET D 30 17.67 -2.61 10.31
CA MET D 30 18.76 -1.91 10.98
C MET D 30 20.06 -2.00 10.18
N LYS D 31 20.27 -3.11 9.48
CA LYS D 31 21.47 -3.25 8.68
C LYS D 31 21.38 -2.39 7.41
N LYS D 32 20.18 -1.94 7.04
CA LYS D 32 20.02 -1.00 5.94
C LYS D 32 20.11 0.47 6.38
N GLN D 33 20.25 0.71 7.70
CA GLN D 33 20.44 2.04 8.24
C GLN D 33 21.94 2.31 8.39
N PRO D 34 22.53 3.23 7.59
CA PRO D 34 23.98 3.44 7.65
C PRO D 34 24.48 3.96 8.99
N ASP D 35 23.67 4.78 9.69
CA ASP D 35 24.18 5.54 10.82
C ASP D 35 23.62 5.16 12.20
N ILE D 36 22.69 4.21 12.24
CA ILE D 36 22.12 3.76 13.51
C ILE D 36 22.13 2.24 13.64
N THR D 37 22.17 1.78 14.90
CA THR D 37 22.42 0.39 15.26
C THR D 37 21.40 -0.12 16.26
N ASN D 38 21.35 -1.44 16.45
CA ASN D 38 20.47 -2.05 17.44
C ASN D 38 20.72 -1.46 18.83
N SER D 39 21.99 -1.21 19.13
CA SER D 39 22.40 -0.70 20.42
C SER D 39 21.85 0.70 20.69
N MET D 40 21.87 1.54 19.66
CA MET D 40 21.30 2.88 19.75
C MET D 40 19.80 2.82 20.00
N ARG D 41 19.14 1.84 19.39
CA ARG D 41 17.70 1.68 19.50
C ARG D 41 17.34 1.20 20.89
N ALA D 42 18.16 0.29 21.43
CA ALA D 42 18.03 -0.17 22.80
C ALA D 42 18.08 0.98 23.80
N ILE D 43 19.01 1.91 23.59
CA ILE D 43 19.12 3.09 24.43
C ILE D 43 17.85 3.94 24.34
N LEU D 44 17.32 4.09 23.12
CA LEU D 44 16.15 4.90 22.88
C LEU D 44 14.93 4.32 23.60
N VAL D 45 14.69 3.02 23.39
CA VAL D 45 13.53 2.37 23.98
C VAL D 45 13.64 2.41 25.50
N ASP D 46 14.85 2.22 26.03
CA ASP D 46 15.07 2.25 27.47
C ASP D 46 14.71 3.62 28.06
N TRP D 47 15.06 4.68 27.32
CA TRP D 47 14.70 6.05 27.66
C TRP D 47 13.18 6.26 27.62
N LEU D 48 12.52 5.69 26.59
CA LEU D 48 11.07 5.79 26.48
C LEU D 48 10.37 5.08 27.64
N VAL D 49 11.00 4.03 28.19
CA VAL D 49 10.48 3.38 29.38
C VAL D 49 10.50 4.35 30.57
N GLU D 50 11.63 5.03 30.78
CA GLU D 50 11.75 6.03 31.82
C GLU D 50 10.72 7.13 31.66
N VAL D 51 10.62 7.66 30.44
CA VAL D 51 9.64 8.69 30.15
C VAL D 51 8.24 8.19 30.54
N GLY D 52 7.95 6.95 30.25
CA GLY D 52 6.62 6.39 30.57
C GLY D 52 6.35 6.32 32.05
N GLU D 53 7.40 6.19 32.87
CA GLU D 53 7.24 6.14 34.33
C GLU D 53 7.20 7.56 34.89
N GLU D 54 8.04 8.45 34.39
CA GLU D 54 8.04 9.87 34.83
C GLU D 54 6.65 10.48 34.59
N TYR D 55 5.97 10.06 33.52
CA TYR D 55 4.68 10.65 33.21
C TYR D 55 3.50 9.73 33.50
N LYS D 56 3.77 8.55 34.09
CA LYS D 56 2.76 7.59 34.46
C LYS D 56 1.85 7.28 33.26
N LEU D 57 2.50 6.95 32.15
CA LEU D 57 1.79 6.60 30.94
C LEU D 57 1.40 5.13 31.04
N GLN D 58 0.40 4.74 30.23
CA GLN D 58 0.04 3.33 30.07
C GLN D 58 1.19 2.57 29.42
N ASN D 59 1.34 1.30 29.79
CA ASN D 59 2.29 0.43 29.12
C ASN D 59 1.96 0.27 27.64
N GLU D 60 0.66 0.26 27.31
CA GLU D 60 0.21 0.16 25.93
C GLU D 60 0.79 1.30 25.11
N THR D 61 0.87 2.50 25.70
CA THR D 61 1.41 3.66 25.02
C THR D 61 2.87 3.42 24.61
N LEU D 62 3.67 2.86 25.53
CA LEU D 62 5.06 2.52 25.26
C LEU D 62 5.18 1.53 24.11
N HIS D 63 4.38 0.47 24.13
CA HIS D 63 4.40 -0.52 23.06
C HIS D 63 4.04 0.07 21.70
N LEU D 64 3.02 0.94 21.68
CA LEU D 64 2.64 1.62 20.45
C LEU D 64 3.79 2.46 19.91
N ALA D 65 4.43 3.24 20.78
CA ALA D 65 5.53 4.10 20.35
C ALA D 65 6.64 3.31 19.66
N VAL D 66 6.99 2.16 20.25
CA VAL D 66 8.06 1.33 19.71
C VAL D 66 7.64 0.82 18.33
N ASN D 67 6.37 0.44 18.18
CA ASN D 67 5.86 0.01 16.89
C ASN D 67 6.01 1.11 15.84
N TYR D 68 5.68 2.35 16.23
CA TYR D 68 5.72 3.48 15.31
C TYR D 68 7.15 3.76 14.86
N ILE D 69 8.09 3.69 15.81
CA ILE D 69 9.50 3.92 15.53
C ILE D 69 10.02 2.88 14.53
N ASP D 70 9.76 1.61 14.82
CA ASP D 70 10.29 0.52 14.02
C ASP D 70 9.74 0.56 12.60
N ARG D 71 8.47 0.94 12.43
CA ARG D 71 7.90 1.08 11.10
C ARG D 71 8.50 2.28 10.37
N PHE D 72 8.70 3.38 11.11
CA PHE D 72 9.25 4.59 10.54
C PHE D 72 10.67 4.33 10.03
N LEU D 73 11.50 3.71 10.88
CA LEU D 73 12.87 3.38 10.51
C LEU D 73 12.96 2.25 9.46
N SER D 74 11.86 1.57 9.19
CA SER D 74 11.80 0.63 8.07
C SER D 74 11.69 1.31 6.71
N SER D 75 11.25 2.57 6.68
CA SER D 75 11.05 3.32 5.45
C SER D 75 11.95 4.54 5.29
N MET D 76 12.52 5.06 6.40
CA MET D 76 13.28 6.30 6.38
C MET D 76 14.66 6.10 7.00
N SER D 77 15.71 6.50 6.28
CA SER D 77 17.05 6.61 6.87
C SER D 77 17.06 7.79 7.83
N VAL D 78 17.66 7.59 9.01
CA VAL D 78 17.74 8.63 10.03
C VAL D 78 19.16 8.69 10.60
N LEU D 79 19.70 9.90 10.72
CA LEU D 79 21.00 10.09 11.33
C LEU D 79 20.90 9.95 12.84
N ARG D 80 21.98 9.48 13.47
CA ARG D 80 22.01 9.27 14.92
C ARG D 80 21.50 10.46 15.71
N GLY D 81 21.86 11.67 15.28
CA GLY D 81 21.44 12.90 15.94
C GLY D 81 19.93 13.13 15.95
N LYS D 82 19.21 12.47 15.03
CA LYS D 82 17.78 12.66 14.91
C LYS D 82 16.97 11.46 15.41
N LEU D 83 17.64 10.40 15.85
CA LEU D 83 16.95 9.22 16.32
C LEU D 83 16.01 9.53 17.48
N GLN D 84 16.48 10.37 18.42
CA GLN D 84 15.65 10.72 19.57
C GLN D 84 14.45 11.58 19.17
N LEU D 85 14.58 12.34 18.09
CA LEU D 85 13.49 13.17 17.61
C LEU D 85 12.35 12.29 17.10
N VAL D 86 12.71 11.23 16.36
CA VAL D 86 11.74 10.25 15.90
C VAL D 86 11.02 9.63 17.10
N GLY D 87 11.80 9.17 18.07
CA GLY D 87 11.27 8.57 19.29
C GLY D 87 10.34 9.48 20.08
N THR D 88 10.73 10.76 20.22
CA THR D 88 9.91 11.72 20.95
C THR D 88 8.57 11.91 20.26
N ALA D 89 8.60 12.03 18.92
CA ALA D 89 7.39 12.24 18.14
C ALA D 89 6.49 11.01 18.19
N ALA D 90 7.11 9.83 18.16
CA ALA D 90 6.37 8.58 18.26
C ALA D 90 5.65 8.46 19.60
N MET D 91 6.34 8.83 20.68
CA MET D 91 5.77 8.75 22.02
C MET D 91 4.61 9.76 22.16
N LEU D 92 4.74 10.91 21.50
CA LEU D 92 3.70 11.93 21.50
C LEU D 92 2.45 11.41 20.80
N LEU D 93 2.65 10.78 19.64
CA LEU D 93 1.56 10.23 18.86
C LEU D 93 0.86 9.10 19.60
N ALA D 94 1.64 8.21 20.22
CA ALA D 94 1.10 7.12 21.01
C ALA D 94 0.28 7.64 22.18
N SER D 95 0.79 8.68 22.83
CA SER D 95 0.07 9.34 23.91
C SER D 95 -1.25 9.94 23.43
N LYS D 96 -1.22 10.68 22.33
CA LYS D 96 -2.45 11.25 21.81
C LYS D 96 -3.46 10.18 21.42
N PHE D 97 -2.96 9.04 20.91
CA PHE D 97 -3.84 7.95 20.52
C PHE D 97 -4.46 7.26 21.73
N GLU D 98 -3.62 6.90 22.69
CA GLU D 98 -3.98 5.94 23.72
C GLU D 98 -4.35 6.52 25.08
N GLU D 99 -3.80 7.70 25.43
CA GLU D 99 -3.97 8.24 26.77
C GLU D 99 -5.23 9.09 26.88
N ILE D 100 -5.86 9.01 28.05
CA ILE D 100 -6.96 9.89 28.41
C ILE D 100 -6.45 11.33 28.54
N TYR D 101 -5.34 11.50 29.27
CA TYR D 101 -4.76 12.81 29.55
C TYR D 101 -3.32 12.83 29.06
N PRO D 102 -3.05 12.98 27.74
CA PRO D 102 -1.67 12.92 27.24
C PRO D 102 -0.86 14.10 27.78
N PRO D 103 0.47 13.97 27.96
CA PRO D 103 1.28 15.14 28.25
C PRO D 103 1.25 16.10 27.06
N GLU D 104 1.42 17.38 27.37
CA GLU D 104 1.49 18.43 26.37
C GLU D 104 2.78 18.30 25.58
N VAL D 105 2.77 18.89 24.38
CA VAL D 105 3.96 18.90 23.55
C VAL D 105 5.16 19.45 24.32
N ALA D 106 4.94 20.51 25.10
CA ALA D 106 6.04 21.15 25.84
C ALA D 106 6.79 20.16 26.72
N GLU D 107 6.05 19.23 27.32
N GLU D 107 6.09 19.21 27.33
CA GLU D 107 6.64 18.22 28.20
CA GLU D 107 6.73 18.24 28.20
C GLU D 107 7.54 17.27 27.40
C GLU D 107 7.58 17.27 27.38
N PHE D 108 7.12 16.95 26.17
CA PHE D 108 7.90 16.11 25.27
C PHE D 108 9.17 16.83 24.79
N VAL D 109 9.11 18.17 24.71
CA VAL D 109 10.29 18.96 24.40
C VAL D 109 11.24 18.96 25.59
N TYR D 110 10.67 19.11 26.79
CA TYR D 110 11.43 19.17 28.03
C TYR D 110 12.26 17.90 28.26
N ILE D 111 11.66 16.72 28.06
CA ILE D 111 12.38 15.48 28.33
C ILE D 111 13.56 15.18 27.39
N THR D 112 13.65 15.87 26.24
CA THR D 112 14.81 15.74 25.36
C THR D 112 15.95 16.68 25.75
N ASP D 113 15.86 17.27 26.96
CA ASP D 113 16.86 18.22 27.46
C ASP D 113 17.08 19.40 26.51
N ASP D 114 16.00 19.83 25.83
CA ASP D 114 16.09 20.81 24.75
C ASP D 114 17.18 20.52 23.71
N THR D 115 17.40 19.22 23.41
CA THR D 115 18.15 18.83 22.23
C THR D 115 17.42 19.37 21.00
N TYR D 116 16.08 19.30 21.03
CA TYR D 116 15.26 19.73 19.92
C TYR D 116 14.35 20.90 20.32
N THR D 117 13.87 21.62 19.30
CA THR D 117 12.86 22.65 19.48
C THR D 117 11.45 22.07 19.41
N LYS D 118 10.49 22.83 19.95
CA LYS D 118 9.09 22.45 19.86
C LYS D 118 8.67 22.25 18.40
N LYS D 119 9.13 23.16 17.53
CA LYS D 119 8.76 23.11 16.14
C LYS D 119 9.28 21.84 15.47
N GLN D 120 10.48 21.41 15.83
CA GLN D 120 11.03 20.17 15.31
C GLN D 120 10.19 18.95 15.72
N VAL D 121 9.78 18.92 16.98
CA VAL D 121 8.93 17.85 17.46
C VAL D 121 7.61 17.81 16.67
N LEU D 122 6.97 18.97 16.50
CA LEU D 122 5.70 19.04 15.81
C LEU D 122 5.81 18.66 14.33
N ARG D 123 6.90 19.10 13.69
CA ARG D 123 7.12 18.73 12.30
C ARG D 123 7.41 17.25 12.14
N MET D 124 8.16 16.66 13.07
CA MET D 124 8.44 15.22 13.05
C MET D 124 7.16 14.44 13.29
N GLU D 125 6.31 14.94 14.20
CA GLU D 125 4.98 14.36 14.40
C GLU D 125 4.25 14.19 13.06
N HIS D 126 4.16 15.29 12.29
CA HIS D 126 3.48 15.26 11.01
C HIS D 126 4.17 14.28 10.04
N LEU D 127 5.50 14.32 9.99
CA LEU D 127 6.24 13.42 9.10
C LEU D 127 5.95 11.96 9.45
N VAL D 128 5.97 11.63 10.75
CA VAL D 128 5.68 10.27 11.17
C VAL D 128 4.27 9.84 10.75
N LEU D 129 3.30 10.75 10.89
CA LEU D 129 1.94 10.45 10.48
C LEU D 129 1.87 10.19 8.98
N LYS D 130 2.63 10.96 8.20
CA LYS D 130 2.63 10.79 6.76
C LYS D 130 3.23 9.43 6.39
N VAL D 131 4.37 9.08 7.01
CA VAL D 131 5.05 7.84 6.70
C VAL D 131 4.25 6.61 7.08
N LEU D 132 3.53 6.65 8.21
CA LEU D 132 2.69 5.53 8.63
C LEU D 132 1.29 5.61 8.01
N ALA D 133 1.05 6.64 7.18
CA ALA D 133 -0.26 6.93 6.63
C ALA D 133 -1.40 6.85 7.64
N PHE D 134 -1.14 7.36 8.87
CA PHE D 134 -2.09 7.32 9.98
C PHE D 134 -2.54 5.94 10.45
N ASP D 135 -1.84 4.86 10.06
CA ASP D 135 -2.16 3.53 10.58
C ASP D 135 -1.57 3.37 11.98
N LEU D 136 -2.25 3.91 13.00
CA LEU D 136 -1.73 3.93 14.35
C LEU D 136 -2.33 2.87 15.27
N ALA D 137 -3.47 2.28 14.90
CA ALA D 137 -4.10 1.28 15.75
C ALA D 137 -3.42 -0.09 15.55
N ALA D 138 -2.14 -0.17 15.95
CA ALA D 138 -1.35 -1.38 15.76
C ALA D 138 -1.58 -2.32 16.94
N PRO D 139 -1.69 -3.65 16.69
CA PRO D 139 -1.71 -4.62 17.77
C PRO D 139 -0.37 -4.68 18.47
N THR D 140 -0.42 -4.74 19.81
CA THR D 140 0.76 -4.80 20.64
C THR D 140 0.84 -6.15 21.34
N ILE D 141 2.02 -6.43 21.90
CA ILE D 141 2.19 -7.57 22.77
C ILE D 141 1.09 -7.58 23.83
N ASN D 142 0.78 -6.40 24.39
CA ASN D 142 -0.14 -6.31 25.51
C ASN D 142 -1.60 -6.64 25.16
N GLN D 143 -2.04 -6.22 23.97
CA GLN D 143 -3.39 -6.52 23.52
C GLN D 143 -3.60 -8.03 23.42
N PHE D 144 -2.54 -8.77 23.08
CA PHE D 144 -2.62 -10.22 23.04
C PHE D 144 -2.56 -10.80 24.45
N LEU D 145 -1.62 -10.29 25.27
CA LEU D 145 -1.44 -10.76 26.64
C LEU D 145 -2.72 -10.71 27.46
N THR D 146 -3.41 -9.57 27.43
CA THR D 146 -4.62 -9.39 28.23
C THR D 146 -5.69 -10.40 27.84
N GLN D 147 -5.76 -10.76 26.56
CA GLN D 147 -6.68 -11.79 26.10
C GLN D 147 -6.29 -13.18 26.60
N TYR D 148 -4.98 -13.47 26.56
CA TYR D 148 -4.44 -14.72 27.06
C TYR D 148 -4.68 -14.88 28.56
N PHE D 149 -4.62 -13.75 29.29
CA PHE D 149 -4.83 -13.75 30.73
C PHE D 149 -6.19 -14.31 31.12
N LEU D 150 -7.20 -14.12 30.27
CA LEU D 150 -8.54 -14.64 30.50
C LEU D 150 -8.65 -16.16 30.52
N HIS D 151 -7.57 -16.87 30.14
CA HIS D 151 -7.57 -18.32 30.20
C HIS D 151 -6.98 -18.90 31.50
N GLN D 152 -6.44 -18.02 32.35
CA GLN D 152 -6.01 -18.44 33.69
C GLN D 152 -7.20 -18.86 34.54
N GLN D 153 -6.98 -19.87 35.38
CA GLN D 153 -8.01 -20.40 36.28
C GLN D 153 -7.40 -20.73 37.64
N PRO D 154 -7.44 -19.82 38.65
CA PRO D 154 -7.95 -18.47 38.49
C PRO D 154 -6.83 -17.52 38.04
N ALA D 155 -7.17 -16.23 37.93
CA ALA D 155 -6.19 -15.19 37.63
C ALA D 155 -5.10 -15.14 38.71
N ASN D 156 -3.84 -14.97 38.28
CA ASN D 156 -2.71 -14.81 39.18
C ASN D 156 -1.91 -13.58 38.76
N CYS D 157 -1.77 -12.62 39.69
CA CYS D 157 -1.20 -11.32 39.41
C CYS D 157 0.30 -11.35 39.15
N LYS D 158 1.03 -12.28 39.79
CA LYS D 158 2.45 -12.42 39.55
C LYS D 158 2.72 -12.96 38.14
N VAL D 159 1.88 -13.90 37.71
CA VAL D 159 1.92 -14.39 36.34
C VAL D 159 1.68 -13.24 35.36
N GLU D 160 0.68 -12.41 35.63
CA GLU D 160 0.34 -11.30 34.74
C GLU D 160 1.46 -10.28 34.67
N SER D 161 1.94 -9.81 35.84
CA SER D 161 3.07 -8.88 35.90
C SER D 161 4.34 -9.44 35.26
N LEU D 162 4.64 -10.71 35.52
CA LEU D 162 5.86 -11.29 35.01
C LEU D 162 5.81 -11.36 33.49
N ALA D 163 4.64 -11.72 32.94
CA ALA D 163 4.47 -11.76 31.49
C ALA D 163 4.63 -10.38 30.84
N MET D 164 4.09 -9.34 31.50
CA MET D 164 4.23 -7.97 31.02
C MET D 164 5.71 -7.58 31.01
N PHE D 165 6.42 -7.92 32.09
CA PHE D 165 7.83 -7.64 32.23
C PHE D 165 8.65 -8.21 31.07
N LEU D 166 8.43 -9.48 30.79
CA LEU D 166 9.18 -10.20 29.76
C LEU D 166 8.86 -9.61 28.39
N GLY D 167 7.57 -9.30 28.17
CA GLY D 167 7.13 -8.63 26.96
C GLY D 167 7.85 -7.31 26.73
N GLU D 168 8.00 -6.51 27.81
CA GLU D 168 8.68 -5.23 27.72
C GLU D 168 10.17 -5.38 27.42
N LEU D 169 10.81 -6.39 28.01
CA LEU D 169 12.23 -6.63 27.75
C LEU D 169 12.49 -6.82 26.26
N SER D 170 11.56 -7.50 25.57
CA SER D 170 11.68 -7.77 24.15
C SER D 170 11.66 -6.50 23.28
N LEU D 171 11.01 -5.45 23.78
CA LEU D 171 11.03 -4.16 23.10
C LEU D 171 12.43 -3.60 22.88
N ILE D 172 13.36 -3.93 23.80
CA ILE D 172 14.69 -3.33 23.82
C ILE D 172 15.60 -3.83 22.69
N ASP D 173 15.50 -5.13 22.38
CA ASP D 173 16.46 -5.79 21.51
C ASP D 173 15.83 -6.19 20.18
N ALA D 174 16.07 -5.36 19.16
CA ALA D 174 15.58 -5.60 17.80
C ALA D 174 16.06 -6.93 17.24
N ASP D 175 17.31 -7.26 17.57
CA ASP D 175 17.83 -8.61 17.36
C ASP D 175 17.79 -9.34 18.69
N PRO D 176 16.97 -10.41 18.88
CA PRO D 176 16.20 -11.04 17.79
C PRO D 176 14.72 -10.69 17.61
N TYR D 177 14.15 -9.82 18.45
CA TYR D 177 12.70 -9.80 18.59
C TYR D 177 11.92 -9.19 17.42
N LEU D 178 12.60 -8.44 16.53
CA LEU D 178 11.94 -7.97 15.31
C LEU D 178 11.47 -9.12 14.41
N LYS D 179 12.05 -10.31 14.54
CA LYS D 179 11.62 -11.43 13.72
C LYS D 179 10.32 -12.06 14.21
N TYR D 180 9.87 -11.72 15.43
CA TYR D 180 8.67 -12.31 15.99
C TYR D 180 7.50 -11.32 16.03
N LEU D 181 6.30 -11.83 15.71
CA LEU D 181 5.08 -11.06 15.79
C LEU D 181 4.64 -10.85 17.24
N PRO D 182 3.94 -9.74 17.56
CA PRO D 182 3.48 -9.49 18.93
C PRO D 182 2.78 -10.66 19.59
N SER D 183 1.91 -11.36 18.83
CA SER D 183 1.12 -12.44 19.36
C SER D 183 1.97 -13.64 19.78
N VAL D 184 3.10 -13.83 19.08
CA VAL D 184 4.06 -14.88 19.41
C VAL D 184 4.90 -14.53 20.63
N ILE D 185 5.43 -13.29 20.70
CA ILE D 185 6.17 -12.86 21.86
C ILE D 185 5.28 -12.94 23.10
N ALA D 186 4.02 -12.53 22.96
CA ALA D 186 3.06 -12.54 24.05
C ALA D 186 2.84 -13.96 24.55
N ALA D 187 2.71 -14.91 23.61
CA ALA D 187 2.53 -16.31 23.95
C ALA D 187 3.75 -16.84 24.72
N ALA D 188 4.95 -16.56 24.19
CA ALA D 188 6.17 -17.01 24.83
C ALA D 188 6.30 -16.44 26.24
N ALA D 189 6.03 -15.14 26.35
CA ALA D 189 6.05 -14.44 27.63
C ALA D 189 5.06 -15.04 28.62
N PHE D 190 3.84 -15.31 28.15
CA PHE D 190 2.81 -15.85 29.01
C PHE D 190 3.19 -17.24 29.53
N HIS D 191 3.68 -18.11 28.62
CA HIS D 191 4.09 -19.45 29.01
C HIS D 191 5.23 -19.42 30.02
N LEU D 192 6.23 -18.58 29.73
CA LEU D 192 7.43 -18.50 30.56
C LEU D 192 7.06 -17.99 31.94
N ALA D 193 6.20 -16.97 31.99
CA ALA D 193 5.71 -16.41 33.24
C ALA D 193 4.93 -17.44 34.05
N LEU D 194 3.98 -18.09 33.39
CA LEU D 194 3.15 -19.14 33.98
C LEU D 194 4.02 -20.26 34.54
N TYR D 195 4.97 -20.73 33.73
CA TYR D 195 5.89 -21.78 34.14
C TYR D 195 6.74 -21.37 35.33
N THR D 196 7.23 -20.13 35.33
CA THR D 196 8.15 -19.67 36.39
C THR D 196 7.43 -19.50 37.72
N VAL D 197 6.13 -19.21 37.70
CA VAL D 197 5.42 -18.92 38.98
C VAL D 197 4.59 -20.14 39.42
N THR D 198 3.98 -20.85 38.47
CA THR D 198 3.07 -21.96 38.82
C THR D 198 3.65 -23.30 38.43
N GLY D 199 4.58 -23.35 37.48
CA GLY D 199 5.09 -24.64 36.99
C GLY D 199 4.20 -25.14 35.87
N GLN D 200 3.07 -24.48 35.65
CA GLN D 200 2.11 -24.94 34.62
C GLN D 200 2.59 -24.46 33.24
N SER D 201 1.97 -24.96 32.19
CA SER D 201 2.45 -24.63 30.83
C SER D 201 1.35 -24.06 29.92
N TRP D 202 1.73 -23.44 28.82
CA TRP D 202 0.80 -22.95 27.80
C TRP D 202 -0.44 -23.84 27.73
N PRO D 203 -1.64 -23.33 28.11
CA PRO D 203 -2.84 -24.17 28.20
C PRO D 203 -3.45 -24.55 26.85
N GLU D 204 -4.08 -25.72 26.83
CA GLU D 204 -4.70 -26.28 25.65
C GLU D 204 -5.73 -25.32 25.05
N SER D 205 -6.43 -24.58 25.92
CA SER D 205 -7.46 -23.64 25.48
C SER D 205 -6.90 -22.50 24.62
N LEU D 206 -5.63 -22.15 24.87
CA LEU D 206 -4.94 -21.12 24.09
C LEU D 206 -4.29 -21.70 22.84
N VAL D 207 -3.99 -23.00 22.87
CA VAL D 207 -3.66 -23.72 21.65
C VAL D 207 -4.83 -23.62 20.69
N GLN D 208 -6.05 -23.88 21.20
CA GLN D 208 -7.24 -23.83 20.36
C GLN D 208 -7.48 -22.41 19.84
N LYS D 209 -7.27 -21.40 20.69
CA LYS D 209 -7.53 -20.01 20.31
C LYS D 209 -6.52 -19.51 19.28
N THR D 210 -5.23 -19.78 19.51
CA THR D 210 -4.16 -19.17 18.75
C THR D 210 -3.60 -20.01 17.60
N GLY D 211 -3.76 -21.33 17.68
CA GLY D 211 -3.06 -22.24 16.78
C GLY D 211 -1.60 -22.51 17.15
N TYR D 212 -1.08 -21.77 18.14
CA TYR D 212 0.30 -21.92 18.57
C TYR D 212 0.46 -23.04 19.60
N THR D 213 1.46 -23.91 19.38
CA THR D 213 1.85 -24.92 20.34
C THR D 213 3.20 -24.57 20.94
N LEU D 214 3.61 -25.29 21.99
CA LEU D 214 4.95 -25.10 22.54
C LEU D 214 6.03 -25.38 21.50
N GLU D 215 5.73 -26.27 20.54
CA GLU D 215 6.62 -26.47 19.40
C GLU D 215 6.77 -25.19 18.58
N THR D 216 5.64 -24.59 18.18
CA THR D 216 5.68 -23.37 17.39
C THR D 216 6.39 -22.24 18.13
N LEU D 217 6.17 -22.13 19.45
CA LEU D 217 6.72 -21.06 20.26
C LEU D 217 8.17 -21.31 20.68
N LYS D 218 8.69 -22.49 20.41
CA LYS D 218 10.05 -22.85 20.91
C LYS D 218 11.10 -21.78 20.56
N PRO D 219 11.33 -21.39 19.29
CA PRO D 219 12.38 -20.42 19.02
C PRO D 219 12.28 -19.16 19.86
N CYS D 220 11.09 -18.54 19.90
CA CYS D 220 10.91 -17.27 20.66
C CYS D 220 11.14 -17.55 22.15
N LEU D 221 10.65 -18.69 22.63
CA LEU D 221 10.84 -19.05 24.06
C LEU D 221 12.33 -19.15 24.36
N LEU D 222 13.09 -19.76 23.47
CA LEU D 222 14.54 -19.94 23.71
C LEU D 222 15.19 -18.55 23.82
N ASP D 223 14.85 -17.65 22.90
CA ASP D 223 15.45 -16.33 22.95
C ASP D 223 15.01 -15.59 24.21
N LEU D 224 13.71 -15.65 24.50
CA LEU D 224 13.14 -14.92 25.63
C LEU D 224 13.63 -15.46 26.97
N HIS D 225 13.89 -16.77 27.02
CA HIS D 225 14.50 -17.38 28.19
C HIS D 225 15.93 -16.87 28.39
N GLN D 226 16.68 -16.75 27.30
CA GLN D 226 18.03 -16.20 27.33
C GLN D 226 18.00 -14.77 27.82
N THR D 227 17.06 -13.98 27.29
CA THR D 227 16.94 -12.57 27.66
C THR D 227 16.67 -12.43 29.16
N TYR D 228 15.78 -13.29 29.67
CA TYR D 228 15.39 -13.29 31.08
C TYR D 228 16.60 -13.61 31.96
N LEU D 229 17.36 -14.64 31.58
CA LEU D 229 18.53 -15.07 32.34
C LEU D 229 19.60 -13.99 32.36
N ARG D 230 19.79 -13.30 31.24
CA ARG D 230 20.84 -12.31 31.09
C ARG D 230 20.45 -10.91 31.55
N ALA D 231 19.16 -10.73 31.87
CA ALA D 231 18.60 -9.40 32.10
C ALA D 231 19.37 -8.57 33.14
N PRO D 232 19.80 -9.14 34.29
CA PRO D 232 20.63 -8.39 35.23
C PRO D 232 21.93 -7.82 34.64
N GLN D 233 22.42 -8.45 33.57
CA GLN D 233 23.66 -8.04 32.92
C GLN D 233 23.48 -7.06 31.77
N HIS D 234 22.25 -6.97 31.23
CA HIS D 234 21.99 -6.13 30.07
C HIS D 234 22.41 -4.69 30.39
N ALA D 235 22.93 -3.97 29.39
CA ALA D 235 23.30 -2.57 29.57
C ALA D 235 22.11 -1.70 29.95
N GLN D 236 20.93 -2.00 29.40
CA GLN D 236 19.70 -1.29 29.72
C GLN D 236 18.90 -1.95 30.85
N GLN D 237 18.57 -1.16 31.88
CA GLN D 237 18.03 -1.67 33.14
C GLN D 237 16.73 -1.01 33.61
N SER D 238 16.18 -0.07 32.83
CA SER D 238 15.02 0.68 33.28
C SER D 238 13.78 -0.20 33.52
N ILE D 239 13.63 -1.26 32.71
CA ILE D 239 12.51 -2.16 32.84
C ILE D 239 12.65 -2.99 34.12
N ARG D 240 13.87 -3.48 34.40
CA ARG D 240 14.08 -4.23 35.62
C ARG D 240 13.77 -3.38 36.85
N GLU D 241 14.24 -2.14 36.85
CA GLU D 241 13.97 -1.22 37.95
C GLU D 241 12.47 -0.98 38.11
N LYS D 242 11.80 -0.71 37.00
CA LYS D 242 10.37 -0.45 37.00
C LYS D 242 9.59 -1.60 37.62
N TYR D 243 9.95 -2.84 37.24
CA TYR D 243 9.22 -4.02 37.72
C TYR D 243 9.69 -4.56 39.07
N LYS D 244 10.62 -3.87 39.74
CA LYS D 244 10.91 -4.13 41.15
C LYS D 244 9.82 -3.61 42.08
N ASN D 245 9.04 -2.64 41.58
CA ASN D 245 8.10 -1.94 42.45
C ASN D 245 6.86 -2.78 42.74
N SER D 246 6.31 -2.56 43.94
CA SER D 246 5.07 -3.16 44.39
C SER D 246 3.91 -3.10 43.39
N LYS D 247 3.85 -2.03 42.57
CA LYS D 247 2.84 -1.92 41.53
C LYS D 247 2.80 -3.17 40.65
N TYR D 248 3.98 -3.74 40.33
CA TYR D 248 4.08 -4.94 39.52
C TYR D 248 4.52 -6.17 40.33
N HIS D 249 4.26 -6.13 41.65
CA HIS D 249 4.50 -7.26 42.52
C HIS D 249 5.97 -7.70 42.58
N GLY D 250 6.87 -6.77 42.25
CA GLY D 250 8.30 -7.02 42.33
C GLY D 250 8.80 -8.20 41.50
N VAL D 251 8.15 -8.46 40.36
CA VAL D 251 8.42 -9.67 39.58
C VAL D 251 9.83 -9.70 39.00
N SER D 252 10.43 -8.53 38.72
CA SER D 252 11.77 -8.50 38.17
C SER D 252 12.79 -9.08 39.15
N LEU D 253 12.42 -9.18 40.43
CA LEU D 253 13.28 -9.76 41.45
C LEU D 253 13.19 -11.28 41.55
N LEU D 254 12.19 -11.89 40.90
CA LEU D 254 12.05 -13.34 40.91
C LEU D 254 13.21 -13.95 40.13
N ASN D 255 13.74 -15.09 40.62
CA ASN D 255 14.85 -15.74 39.96
C ASN D 255 14.34 -16.55 38.77
N PRO D 256 14.93 -16.38 37.57
CA PRO D 256 14.44 -17.09 36.39
C PRO D 256 14.77 -18.57 36.49
N PRO D 257 13.92 -19.47 35.92
CA PRO D 257 14.20 -20.90 35.95
C PRO D 257 15.32 -21.25 34.99
N GLU D 258 16.18 -22.18 35.41
CA GLU D 258 17.38 -22.51 34.67
C GLU D 258 17.09 -23.35 33.42
N THR D 259 15.93 -24.03 33.40
CA THR D 259 15.56 -24.93 32.31
C THR D 259 14.05 -24.87 32.08
N LEU D 260 13.64 -25.22 30.85
CA LEU D 260 12.24 -25.18 30.45
C LEU D 260 11.59 -26.55 30.25
N ASN D 261 12.40 -27.61 30.07
CA ASN D 261 11.90 -28.96 29.86
C ASN D 261 11.19 -29.08 28.50
N VAL D 262 11.89 -29.67 27.53
CA VAL D 262 11.41 -29.83 26.18
C VAL D 262 12.14 -31.03 25.54
C4 HGQ E . 20.96 10.74 -8.03
C5 HGQ E . 21.73 10.57 -6.91
N1 HGQ E . 22.77 11.40 -6.69
C3 HGQ E . 21.27 11.74 -8.93
O1 HGQ E . 24.11 13.11 -7.22
C1 HGQ E . 23.14 12.41 -7.53
C2 HGQ E . 22.34 12.58 -8.70
BR1 HGQ E . 20.20 11.98 -10.46
C4 HGQ F . 28.52 3.61 -45.74
C4 HGQ F . 30.73 4.34 -46.11
C5 HGQ F . 28.12 4.81 -45.24
C5 HGQ F . 30.76 5.56 -45.49
N1 HGQ F . 29.03 5.81 -45.04
N1 HGQ F . 29.63 6.06 -44.93
C3 HGQ F . 29.85 3.40 -46.05
C3 HGQ F . 29.55 3.62 -46.14
O1 HGQ F . 31.10 6.66 -45.09
O1 HGQ F . 27.47 5.95 -44.34
C1 HGQ F . 30.36 5.68 -45.32
C1 HGQ F . 28.44 5.40 -44.90
C2 HGQ F . 30.78 4.41 -45.85
C2 HGQ F . 28.41 4.13 -45.55
BR1 HGQ F . 30.42 1.72 -46.74
BR1 HGQ F . 29.48 1.92 -46.98
C4 HGQ G . -19.62 12.91 5.90
C5 HGQ G . -20.34 12.61 4.82
N1 HGQ G . -21.38 13.38 4.44
C3 HGQ G . -19.93 14.04 6.64
O1 HGQ G . -22.73 15.15 4.66
C1 HGQ G . -21.76 14.51 5.11
C2 HGQ G . -20.99 14.85 6.26
BR1 HGQ G . -18.89 14.43 8.17
#